data_8VYS
#
_entry.id   8VYS
#
_cell.length_a   1.00
_cell.length_b   1.00
_cell.length_c   1.00
_cell.angle_alpha   90.00
_cell.angle_beta   90.00
_cell.angle_gamma   90.00
#
_symmetry.space_group_name_H-M   'P 1'
#
loop_
_entity.id
_entity.type
_entity.pdbx_description
1 polymer 'Serine/threonine-protein kinase B-raf'
2 polymer '14-3-3 protein zeta/delta'
3 non-polymer (3S)-N-{3-[5-(2-cyclopropylpyrimidin-5-yl)-1H-pyrrolo[2,3-b]pyridine-3-carbonyl]-2,4-difluorophenyl}-3-fluoropyrrolidine-1-sulfonamide
#
loop_
_entity_poly.entity_id
_entity_poly.type
_entity_poly.pdbx_seq_one_letter_code
_entity_poly.pdbx_strand_id
1 'polypeptide(L)'
;GMAALSGGGGGGAEPGQALFNGDMEPEAGAGAGAAASSAADPAIPEEVWNIKQMIKLTQEHIEALLDKFGGEHNPPSIYL
EAYEEYTSKLDALQQREQQLLESLGNGTDFSVSSSASMDTVTSSSSSSLSVLPSSLSVFQNPTDVARSNPKSPQKPIVRV
FLPNKQRTVVPARCGVTVRDSLKKALMMRGLIPECCAVYRIQDGEKKPIGWDTDISWLTGEELHVEVLENVPLTTHNFVR
KTFFTLAFCDFCRKLLFQGFRCQTCGYKFHQRCSTEVPLMCVNYDQLDLLFVSKFFEHHPIPQEEASLAETALTSGSSPS
APASDSIGPQILTSPSPSKSIPIPQPFRPADEDHRNQFGQRDRSS(SEP)APNVHINTIEPVNIDDLIRDQGFRGDGGST
TGLSATPPASLPGSLTNVKALQKSPGPQRERKSSSSSEDRNRMKTLGRRDSSDDWEIPDGQITVGQRIGSGSFGTVYKGK
WHGDVAVKMLNVTAPTPQQLQAFKNEVGVLRKTRHVNILLFMGYSTKPQLAIVTQWCEGSSLYHHLHIIETKFEMKKLID
IARQTAQGMDYLHAKSIIHRDLKSNNIFLHEDLTVKIGDFGLATEKSRWSGSHQFEQLSGSILWMAPEVIRMQDKNPYSF
QSDVYAFGIVLYELMTGQLPYSNINNRDQIIFMVGRGYLSPDLSKVRSNCPKAMKRLMAECLKKKRDERPLFPQILASIE
LLARSLPKIHRSA(SEP)EPSLNRAGFQTEDFSLYACASPKTPIQAGGYGAFPVH
;
A
2 'polypeptide(L)'
;DKNELVQKAKLAEQAERYDDMAACMKSVTEQGAELSNEERNLLSVAYKNVVGARRSSWRVVSSIEQKTEGAEKKQQMARE
YREKIETELRDICNDVLSLLEKFLIPNASQAESKVFYLKMKGDYYRYLAEVAAGDDKKGIVDQSQQAYQEAFEISKKEMQ
PTHPIRLGLALNFSVFYYEILNSPEKACSLAKTAFDEAIAELDTLSEESYKDSTLIMQLLRDNLTLWTSDTQGDEAEAGE
GGEN
;
B,C
#
# COMPACT_ATOMS: atom_id res chain seq x y z
N HIS A 236 -7.65 -19.56 2.48
CA HIS A 236 -7.39 -18.35 1.71
C HIS A 236 -8.08 -18.40 0.35
N ASN A 237 -8.40 -17.23 -0.19
CA ASN A 237 -8.82 -17.10 -1.58
C ASN A 237 -8.08 -15.91 -2.19
N PHE A 238 -7.36 -16.19 -3.28
CA PHE A 238 -6.42 -15.22 -3.85
C PHE A 238 -6.95 -14.67 -5.16
N VAL A 239 -6.22 -13.70 -5.69
CA VAL A 239 -6.50 -13.08 -6.98
C VAL A 239 -5.23 -12.45 -7.50
N ARG A 240 -5.19 -12.25 -8.82
CA ARG A 240 -4.07 -11.53 -9.42
C ARG A 240 -4.13 -10.05 -9.05
N LYS A 241 -2.96 -9.48 -8.77
CA LYS A 241 -2.86 -8.09 -8.36
C LYS A 241 -1.52 -7.54 -8.81
N THR A 242 -1.54 -6.33 -9.37
CA THR A 242 -0.32 -5.59 -9.68
C THR A 242 -0.26 -4.36 -8.80
N PHE A 243 0.85 -4.19 -8.09
CA PHE A 243 0.98 -3.19 -7.03
C PHE A 243 1.69 -1.97 -7.58
N PHE A 244 1.05 -0.82 -7.46
CA PHE A 244 1.75 0.44 -7.59
C PHE A 244 2.21 0.89 -6.21
N THR A 245 2.73 2.11 -6.10
CA THR A 245 3.28 2.62 -4.84
C THR A 245 4.36 1.63 -4.39
N LEU A 246 4.23 0.98 -3.24
CA LEU A 246 5.24 0.04 -2.76
C LEU A 246 4.57 -1.14 -2.09
N ALA A 247 5.29 -2.25 -2.03
CA ALA A 247 4.85 -3.43 -1.31
C ALA A 247 6.04 -4.38 -1.20
N PHE A 248 5.95 -5.30 -0.25
CA PHE A 248 7.01 -6.27 0.00
C PHE A 248 6.39 -7.62 0.27
N CYS A 249 6.78 -8.62 -0.52
CA CYS A 249 6.19 -9.95 -0.39
C CYS A 249 6.26 -10.44 1.04
N ASP A 250 5.14 -10.96 1.54
CA ASP A 250 5.07 -11.39 2.93
C ASP A 250 5.86 -12.66 3.20
N PHE A 251 6.39 -13.33 2.17
CA PHE A 251 7.18 -14.53 2.38
C PHE A 251 8.67 -14.21 2.50
N CYS A 252 9.25 -13.62 1.46
CA CYS A 252 10.66 -13.26 1.44
C CYS A 252 10.90 -11.77 1.65
N ARG A 253 9.91 -10.93 1.42
CA ARG A 253 9.99 -9.50 1.70
C ARG A 253 11.03 -8.80 0.82
N LYS A 254 10.96 -9.06 -0.47
CA LYS A 254 11.62 -8.22 -1.46
C LYS A 254 10.59 -7.39 -2.21
N LEU A 255 11.05 -6.33 -2.85
CA LEU A 255 10.13 -5.42 -3.53
C LEU A 255 9.26 -6.20 -4.51
N LEU A 256 7.95 -5.92 -4.47
CA LEU A 256 6.96 -6.66 -5.23
C LEU A 256 6.22 -5.70 -6.17
N PHE A 257 6.11 -6.09 -7.43
CA PHE A 257 5.43 -5.28 -8.44
C PHE A 257 4.27 -6.00 -9.11
N GLN A 258 4.34 -7.31 -9.27
CA GLN A 258 3.28 -8.06 -9.95
C GLN A 258 3.21 -9.46 -9.35
N GLY A 259 2.15 -9.70 -8.59
CA GLY A 259 1.94 -10.99 -7.97
C GLY A 259 0.49 -11.22 -7.61
N PHE A 260 0.25 -12.04 -6.60
CA PHE A 260 -1.10 -12.34 -6.11
C PHE A 260 -1.32 -11.68 -4.76
N ARG A 261 -2.51 -11.88 -4.22
CA ARG A 261 -2.79 -11.52 -2.84
C ARG A 261 -4.03 -12.27 -2.36
N CYS A 262 -4.17 -12.37 -1.05
CA CYS A 262 -5.34 -12.99 -0.45
C CYS A 262 -6.38 -11.94 -0.13
N GLN A 263 -7.61 -12.17 -0.58
CA GLN A 263 -8.68 -11.20 -0.37
C GLN A 263 -9.11 -11.12 1.09
N THR A 264 -9.06 -12.23 1.82
CA THR A 264 -9.48 -12.23 3.22
C THR A 264 -8.59 -11.32 4.06
N CYS A 265 -7.27 -11.54 4.00
CA CYS A 265 -6.34 -10.86 4.89
C CYS A 265 -5.39 -9.90 4.19
N GLY A 266 -5.36 -9.87 2.87
CA GLY A 266 -4.45 -8.98 2.17
C GLY A 266 -3.04 -9.48 2.03
N TYR A 267 -2.77 -10.73 2.41
CA TYR A 267 -1.45 -11.31 2.22
C TYR A 267 -1.03 -11.18 0.76
N LYS A 268 0.28 -11.09 0.53
CA LYS A 268 0.85 -10.93 -0.81
C LYS A 268 2.03 -11.88 -0.97
N PHE A 269 2.39 -12.17 -2.22
CA PHE A 269 3.49 -13.08 -2.48
C PHE A 269 3.80 -13.09 -3.97
N HIS A 270 5.03 -13.48 -4.30
CA HIS A 270 5.42 -13.70 -5.68
C HIS A 270 4.89 -15.06 -6.16
N GLN A 271 4.84 -15.22 -7.48
CA GLN A 271 4.47 -16.51 -8.03
C GLN A 271 5.51 -17.58 -7.71
N ARG A 272 6.78 -17.18 -7.58
CA ARG A 272 7.85 -18.14 -7.32
C ARG A 272 7.65 -18.84 -5.99
N CYS A 273 7.31 -18.08 -4.94
CA CYS A 273 7.16 -18.60 -3.60
C CYS A 273 5.73 -19.04 -3.29
N SER A 274 4.82 -18.98 -4.26
CA SER A 274 3.44 -19.36 -4.02
C SER A 274 3.34 -20.82 -3.60
N THR A 275 4.19 -21.68 -4.17
CA THR A 275 4.10 -23.10 -3.90
C THR A 275 4.39 -23.46 -2.45
N GLU A 276 4.95 -22.54 -1.67
CA GLU A 276 5.32 -22.82 -0.29
C GLU A 276 4.66 -21.85 0.69
N VAL A 277 3.57 -21.20 0.29
CA VAL A 277 2.85 -20.32 1.22
C VAL A 277 2.12 -21.16 2.24
N PRO A 278 2.12 -20.78 3.52
CA PRO A 278 1.41 -21.59 4.53
C PRO A 278 -0.08 -21.58 4.27
N LEU A 279 -0.74 -22.65 4.73
CA LEU A 279 -2.17 -22.82 4.55
C LEU A 279 -2.96 -22.85 5.85
N MET A 280 -2.32 -22.67 7.00
CA MET A 280 -3.04 -22.45 8.25
C MET A 280 -3.36 -20.97 8.32
N CYS A 281 -4.55 -20.60 7.84
CA CYS A 281 -4.82 -19.22 7.47
C CYS A 281 -4.76 -18.27 8.66
N VAL A 282 -4.86 -18.76 9.89
CA VAL A 282 -4.90 -17.88 11.05
C VAL A 282 -3.54 -17.22 11.26
N ARG A 361 14.39 -18.70 -13.35
CA ARG A 361 14.27 -17.57 -14.26
C ARG A 361 13.82 -16.30 -13.53
N ASP A 362 14.43 -16.04 -12.38
CA ASP A 362 14.14 -14.82 -11.64
C ASP A 362 14.68 -13.61 -12.39
N ARG A 363 14.05 -12.46 -12.17
CA ARG A 363 14.33 -11.27 -12.95
C ARG A 363 14.74 -10.11 -12.05
N SER A 364 15.12 -9.01 -12.68
CA SER A 364 15.75 -7.90 -11.98
C SER A 364 14.75 -6.79 -11.69
N SER A 365 14.98 -6.06 -10.59
CA SER A 365 14.12 -4.97 -10.18
C SER A 365 14.79 -3.62 -10.46
N ALA A 367 14.33 1.03 -10.37
CA ALA A 367 14.06 2.14 -9.45
C ALA A 367 12.56 2.32 -9.23
N PRO A 368 12.12 2.34 -7.97
CA PRO A 368 10.69 2.50 -7.69
C PRO A 368 10.29 3.97 -7.64
N ASN A 369 9.02 4.20 -7.34
CA ASN A 369 8.50 5.56 -7.26
C ASN A 369 8.98 6.24 -5.99
N VAL A 370 8.98 7.57 -6.02
CA VAL A 370 9.54 8.39 -4.95
C VAL A 370 8.54 9.45 -4.53
N HIS A 371 8.32 9.57 -3.23
CA HIS A 371 7.51 10.65 -2.67
C HIS A 371 8.18 11.23 -1.44
N ASP A 449 31.88 22.61 20.56
CA ASP A 449 32.13 23.16 21.89
C ASP A 449 31.01 24.10 22.31
N ASP A 450 30.46 24.84 21.35
CA ASP A 450 29.38 25.77 21.63
C ASP A 450 28.11 25.08 22.10
N TRP A 451 27.99 23.76 21.91
CA TRP A 451 26.82 23.05 22.41
C TRP A 451 26.73 23.06 23.92
N GLU A 452 27.84 23.29 24.61
CA GLU A 452 27.84 23.26 26.07
C GLU A 452 27.15 24.50 26.63
N ILE A 453 26.60 24.35 27.83
CA ILE A 453 25.87 25.41 28.51
C ILE A 453 26.57 25.70 29.84
N PRO A 454 27.02 26.93 30.09
CA PRO A 454 27.69 27.22 31.36
C PRO A 454 26.76 27.03 32.55
N ASP A 455 27.37 26.79 33.71
CA ASP A 455 26.61 26.54 34.92
C ASP A 455 25.79 27.77 35.31
N GLY A 456 24.63 27.52 35.93
CA GLY A 456 23.78 28.57 36.46
C GLY A 456 22.84 29.20 35.46
N GLN A 457 23.00 28.93 34.16
CA GLN A 457 22.10 29.54 33.19
C GLN A 457 20.75 28.84 33.16
N ILE A 458 20.71 27.56 33.48
CA ILE A 458 19.50 26.76 33.38
C ILE A 458 18.79 26.77 34.72
N THR A 459 17.54 27.23 34.73
CA THR A 459 16.69 27.13 35.91
C THR A 459 16.26 25.67 36.11
N VAL A 460 16.24 25.22 37.35
CA VAL A 460 15.92 23.83 37.69
C VAL A 460 14.60 23.81 38.46
N GLY A 461 13.67 23.00 37.99
CA GLY A 461 12.36 22.89 38.61
C GLY A 461 12.21 21.67 39.48
N GLN A 462 11.04 21.03 39.41
CA GLN A 462 10.74 19.88 40.25
C GLN A 462 11.12 18.59 39.57
N ARG A 463 11.65 17.66 40.36
CA ARG A 463 11.98 16.33 39.90
C ARG A 463 10.75 15.63 39.33
N ILE A 464 10.75 15.39 38.02
CA ILE A 464 9.63 14.73 37.38
C ILE A 464 9.75 13.21 37.47
N GLY A 465 10.97 12.69 37.43
CA GLY A 465 11.19 11.26 37.54
C GLY A 465 12.68 10.98 37.50
N SER A 466 13.04 9.81 38.03
CA SER A 466 14.44 9.42 38.13
C SER A 466 14.55 7.92 37.88
N GLY A 467 15.74 7.51 37.49
CA GLY A 467 16.02 6.12 37.19
C GLY A 467 17.29 6.00 36.38
N SER A 468 17.60 4.75 36.01
CA SER A 468 18.79 4.48 35.22
C SER A 468 20.01 5.10 35.89
N PHE A 469 20.59 6.13 35.28
CA PHE A 469 21.74 6.83 35.84
C PHE A 469 21.55 8.34 35.81
N GLY A 470 20.37 8.80 36.21
CA GLY A 470 20.10 10.23 36.20
C GLY A 470 18.68 10.52 36.62
N THR A 471 18.32 11.80 36.48
CA THR A 471 17.01 12.29 36.88
C THR A 471 16.57 13.37 35.90
N VAL A 472 15.26 13.55 35.79
CA VAL A 472 14.66 14.48 34.83
C VAL A 472 14.04 15.65 35.60
N TYR A 473 14.27 16.86 35.10
CA TYR A 473 13.68 18.07 35.67
C TYR A 473 13.16 18.95 34.54
N LYS A 474 12.10 19.70 34.85
CA LYS A 474 11.70 20.79 33.97
C LYS A 474 12.48 22.05 34.33
N GLY A 475 12.72 22.88 33.32
CA GLY A 475 13.52 24.06 33.54
C GLY A 475 13.31 25.08 32.44
N LYS A 476 13.96 26.22 32.60
CA LYS A 476 13.86 27.32 31.65
C LYS A 476 15.26 27.74 31.23
N TRP A 477 15.50 27.76 29.92
CA TRP A 477 16.77 28.25 29.38
C TRP A 477 16.49 28.70 27.95
N HIS A 478 16.43 30.01 27.73
CA HIS A 478 15.93 30.56 26.47
C HIS A 478 14.51 30.06 26.20
N GLY A 479 13.75 29.85 27.27
CA GLY A 479 12.43 29.25 27.18
C GLY A 479 12.38 27.91 27.88
N ASP A 480 11.22 27.25 27.73
CA ASP A 480 11.01 25.97 28.38
C ASP A 480 12.01 24.94 27.88
N VAL A 481 12.50 24.11 28.80
CA VAL A 481 13.44 23.04 28.48
C VAL A 481 13.26 21.90 29.47
N ALA A 482 13.92 20.78 29.17
CA ALA A 482 13.97 19.63 30.05
C ALA A 482 15.42 19.22 30.24
N VAL A 483 15.75 18.72 31.43
CA VAL A 483 17.13 18.44 31.81
C VAL A 483 17.21 17.02 32.36
N LYS A 484 18.11 16.22 31.81
CA LYS A 484 18.44 14.92 32.37
C LYS A 484 19.71 15.07 33.21
N MET A 485 19.57 15.05 34.53
CA MET A 485 20.69 15.21 35.43
C MET A 485 21.30 13.84 35.70
N LEU A 486 22.44 13.57 35.07
CA LEU A 486 23.15 12.33 35.34
C LEU A 486 23.81 12.39 36.72
N ASN A 487 23.98 11.21 37.33
CA ASN A 487 24.41 11.15 38.71
C ASN A 487 25.78 11.79 38.91
N VAL A 488 26.72 11.51 38.02
CA VAL A 488 28.10 11.92 38.23
C VAL A 488 28.24 13.42 38.04
N THR A 489 28.98 14.06 38.95
CA THR A 489 29.36 15.46 38.82
C THR A 489 30.83 15.64 38.50
N ALA A 490 31.69 14.68 38.87
CA ALA A 490 33.12 14.76 38.63
C ALA A 490 33.57 13.47 37.95
N PRO A 491 33.31 13.33 36.65
CA PRO A 491 33.65 12.07 35.97
C PRO A 491 35.15 11.93 35.76
N THR A 492 35.56 10.69 35.51
CA THR A 492 36.93 10.45 35.08
C THR A 492 37.07 10.83 33.61
N PRO A 493 38.30 11.08 33.15
CA PRO A 493 38.48 11.46 31.73
C PRO A 493 37.90 10.44 30.77
N GLN A 494 37.98 9.15 31.11
CA GLN A 494 37.42 8.13 30.22
C GLN A 494 35.91 8.26 30.12
N GLN A 495 35.24 8.48 31.25
CA GLN A 495 33.80 8.72 31.23
C GLN A 495 33.48 10.03 30.49
N LEU A 496 34.26 11.08 30.77
CA LEU A 496 34.02 12.35 30.09
C LEU A 496 34.17 12.22 28.59
N GLN A 497 35.24 11.55 28.14
CA GLN A 497 35.41 11.34 26.70
C GLN A 497 34.26 10.54 26.13
N ALA A 498 33.79 9.51 26.86
CA ALA A 498 32.59 8.81 26.45
C ALA A 498 31.41 9.77 26.33
N PHE A 499 31.29 10.69 27.29
CA PHE A 499 30.27 11.73 27.17
C PHE A 499 30.53 12.62 25.96
N LYS A 500 31.80 12.93 25.71
CA LYS A 500 32.14 13.78 24.56
C LYS A 500 31.71 13.11 23.25
N ASN A 501 31.97 11.81 23.11
CA ASN A 501 31.57 11.11 21.90
C ASN A 501 30.05 11.07 21.76
N GLU A 502 29.34 10.84 22.87
CA GLU A 502 27.89 10.80 22.80
C GLU A 502 27.32 12.13 22.32
N VAL A 503 27.88 13.25 22.81
CA VAL A 503 27.46 14.55 22.30
C VAL A 503 27.77 14.67 20.82
N GLY A 504 28.91 14.12 20.39
CA GLY A 504 29.23 14.13 18.97
C GLY A 504 28.20 13.41 18.14
N VAL A 505 27.66 12.30 18.66
CA VAL A 505 26.61 11.57 17.96
C VAL A 505 25.28 12.31 18.05
N LEU A 506 24.88 12.64 19.28
CA LEU A 506 23.53 13.14 19.52
C LEU A 506 23.27 14.47 18.82
N ARG A 507 24.31 15.19 18.41
CA ARG A 507 24.09 16.44 17.69
C ARG A 507 23.83 16.22 16.20
N LYS A 508 24.08 15.02 15.69
CA LYS A 508 23.85 14.74 14.28
C LYS A 508 22.40 14.35 14.02
N THR A 509 21.81 13.52 14.88
CA THR A 509 20.46 13.04 14.69
C THR A 509 19.48 14.19 14.76
N ARG A 510 18.72 14.41 13.68
CA ARG A 510 17.72 15.47 13.64
C ARG A 510 16.45 15.03 12.94
N HIS A 511 15.95 13.83 13.24
CA HIS A 511 14.69 13.38 12.69
C HIS A 511 13.52 13.98 13.46
N VAL A 512 12.42 14.22 12.76
CA VAL A 512 11.27 14.86 13.38
C VAL A 512 10.71 14.03 14.54
N ASN A 513 10.67 12.71 14.38
CA ASN A 513 10.08 11.83 15.38
C ASN A 513 11.06 11.39 16.46
N ILE A 514 12.14 12.14 16.67
CA ILE A 514 13.01 11.94 17.83
C ILE A 514 13.07 13.26 18.59
N LEU A 515 13.48 13.16 19.85
CA LEU A 515 13.43 14.30 20.75
C LEU A 515 14.60 15.24 20.47
N LEU A 516 14.28 16.50 20.17
CA LEU A 516 15.29 17.46 19.72
C LEU A 516 16.38 17.63 20.77
N PHE A 517 17.63 17.70 20.30
CA PHE A 517 18.76 17.94 21.19
C PHE A 517 19.11 19.42 21.21
N MET A 518 19.24 19.98 22.42
CA MET A 518 19.48 21.40 22.59
C MET A 518 20.83 21.75 23.19
N GLY A 519 21.53 20.79 23.77
CA GLY A 519 22.84 21.07 24.32
C GLY A 519 23.14 20.15 25.49
N TYR A 520 24.28 20.41 26.12
CA TYR A 520 24.72 19.66 27.29
C TYR A 520 25.44 20.60 28.24
N SER A 521 25.80 20.06 29.40
CA SER A 521 26.55 20.82 30.40
C SER A 521 27.36 19.85 31.25
N THR A 522 28.62 20.20 31.46
CA THR A 522 29.54 19.40 32.28
C THR A 522 29.95 20.12 33.55
N LYS A 523 29.80 21.45 33.60
CA LYS A 523 30.39 22.23 34.70
C LYS A 523 29.71 21.89 36.03
N PRO A 524 28.41 22.13 36.22
CA PRO A 524 27.80 21.73 37.49
C PRO A 524 27.62 20.22 37.60
N GLN A 525 27.15 19.59 36.54
CA GLN A 525 26.88 18.15 36.55
C GLN A 525 26.66 17.72 35.11
N LEU A 526 26.83 16.41 34.88
CA LEU A 526 26.59 15.86 33.54
C LEU A 526 25.11 15.91 33.22
N ALA A 527 24.75 16.69 32.20
CA ALA A 527 23.34 16.85 31.84
C ALA A 527 23.22 17.05 30.34
N ILE A 528 22.03 16.71 29.82
CA ILE A 528 21.68 16.90 28.43
C ILE A 528 20.36 17.63 28.37
N VAL A 529 20.31 18.72 27.61
CA VAL A 529 19.15 19.60 27.54
C VAL A 529 18.39 19.30 26.25
N THR A 530 17.09 19.04 26.37
CA THR A 530 16.24 18.69 25.24
C THR A 530 15.05 19.63 25.20
N GLN A 531 14.17 19.41 24.22
CA GLN A 531 12.91 20.12 24.17
C GLN A 531 11.93 19.51 25.15
N TRP A 532 10.98 20.32 25.61
CA TRP A 532 9.95 19.90 26.55
C TRP A 532 8.63 19.75 25.81
N CYS A 533 8.00 18.59 25.95
CA CYS A 533 6.73 18.28 25.32
C CYS A 533 5.62 18.35 26.37
N GLU A 534 4.63 19.19 26.12
CA GLU A 534 3.59 19.42 27.12
C GLU A 534 2.78 18.15 27.35
N GLY A 535 2.27 17.53 26.29
CA GLY A 535 1.56 16.28 26.42
C GLY A 535 2.46 15.23 27.04
N SER A 536 1.98 14.57 28.10
CA SER A 536 2.81 13.60 28.82
C SER A 536 3.04 12.36 27.96
N SER A 537 3.76 11.38 28.50
CA SER A 537 4.09 10.19 27.73
C SER A 537 2.83 9.47 27.29
N LEU A 538 2.96 8.72 26.20
CA LEU A 538 1.84 7.94 25.69
C LEU A 538 1.31 6.99 26.75
N TYR A 539 2.17 6.53 27.66
CA TYR A 539 1.71 5.69 28.77
C TYR A 539 0.72 6.43 29.65
N HIS A 540 0.87 7.75 29.76
CA HIS A 540 -0.03 8.55 30.57
C HIS A 540 -1.37 8.76 29.87
N HIS A 541 -1.39 8.71 28.54
CA HIS A 541 -2.63 8.97 27.81
C HIS A 541 -3.48 7.74 27.62
N LEU A 542 -2.97 6.55 27.92
CA LEU A 542 -3.79 5.33 27.91
C LEU A 542 -4.36 5.02 29.28
N HIS A 543 -3.60 5.28 30.34
CA HIS A 543 -3.97 4.83 31.72
C HIS A 543 -4.54 5.92 32.63
N ILE A 544 -4.03 7.15 32.59
CA ILE A 544 -4.49 8.24 33.49
C ILE A 544 -5.61 8.96 32.73
N ILE A 545 -5.32 9.86 31.81
CA ILE A 545 -6.34 10.54 30.97
C ILE A 545 -6.41 9.63 29.75
N GLU A 546 -7.58 9.23 29.26
CA GLU A 546 -7.70 8.27 28.18
C GLU A 546 -8.99 8.53 27.40
N THR A 547 -9.27 7.63 26.46
CA THR A 547 -10.54 7.59 25.74
C THR A 547 -10.63 8.63 24.61
N LYS A 548 -9.51 9.30 24.29
CA LYS A 548 -9.49 10.36 23.30
C LYS A 548 -8.87 9.94 21.97
N PHE A 549 -8.92 8.65 21.62
CA PHE A 549 -8.22 8.14 20.44
C PHE A 549 -9.20 7.42 19.53
N GLU A 550 -9.40 7.97 18.33
CA GLU A 550 -10.10 7.25 17.28
C GLU A 550 -9.20 6.16 16.73
N MET A 551 -9.78 5.26 15.92
CA MET A 551 -8.98 4.20 15.33
C MET A 551 -7.94 4.76 14.37
N LYS A 552 -8.31 5.76 13.57
CA LYS A 552 -7.35 6.34 12.64
C LYS A 552 -6.19 7.00 13.38
N LYS A 553 -6.50 7.74 14.45
CA LYS A 553 -5.43 8.36 15.24
C LYS A 553 -4.65 7.32 16.02
N LEU A 554 -5.32 6.24 16.44
CA LEU A 554 -4.63 5.18 17.16
C LEU A 554 -3.57 4.52 16.29
N ILE A 555 -3.89 4.28 15.02
CA ILE A 555 -2.92 3.69 14.10
C ILE A 555 -1.81 4.70 13.78
N ASP A 556 -2.17 5.97 13.62
CA ASP A 556 -1.19 6.96 13.22
C ASP A 556 -0.07 7.10 14.24
N ILE A 557 -0.34 6.80 15.51
CA ILE A 557 0.70 6.88 16.54
C ILE A 557 1.73 5.78 16.35
N ALA A 558 1.27 4.56 16.05
CA ALA A 558 2.22 3.48 15.77
C ALA A 558 2.92 3.68 14.44
N ARG A 559 2.34 4.49 13.55
CA ARG A 559 3.01 4.82 12.29
C ARG A 559 4.19 5.75 12.51
N GLN A 560 3.99 6.79 13.32
CA GLN A 560 5.08 7.72 13.62
C GLN A 560 6.10 7.11 14.56
N THR A 561 5.70 6.11 15.35
CA THR A 561 6.66 5.42 16.19
C THR A 561 7.66 4.63 15.35
N ALA A 562 7.18 3.97 14.29
CA ALA A 562 8.07 3.24 13.39
C ALA A 562 8.81 4.18 12.44
N GLN A 563 8.15 5.23 11.97
CA GLN A 563 8.81 6.19 11.10
C GLN A 563 9.96 6.91 11.82
N GLY A 564 9.99 6.86 13.14
CA GLY A 564 11.07 7.46 13.90
C GLY A 564 12.13 6.45 14.27
N MET A 565 11.73 5.20 14.48
CA MET A 565 12.67 4.12 14.75
C MET A 565 13.30 3.56 13.49
N ASP A 566 12.73 3.82 12.32
CA ASP A 566 13.41 3.49 11.07
C ASP A 566 14.65 4.36 10.90
N TYR A 567 14.54 5.65 11.26
CA TYR A 567 15.69 6.54 11.18
C TYR A 567 16.77 6.13 12.17
N LEU A 568 16.37 5.60 13.33
CA LEU A 568 17.36 5.18 14.32
C LEU A 568 18.07 3.90 13.88
N HIS A 569 17.49 3.17 12.93
CA HIS A 569 18.19 2.03 12.35
C HIS A 569 18.98 2.43 11.11
N ALA A 570 18.49 3.43 10.36
CA ALA A 570 19.26 3.97 9.25
C ALA A 570 20.50 4.72 9.72
N LYS A 571 20.57 5.05 11.01
CA LYS A 571 21.78 5.59 11.63
C LYS A 571 22.52 4.53 12.44
N SER A 572 22.07 3.28 12.40
CA SER A 572 22.77 2.16 13.04
C SER A 572 22.79 2.29 14.56
N ILE A 573 21.70 2.79 15.14
CA ILE A 573 21.56 2.90 16.59
C ILE A 573 20.46 1.96 17.03
N ILE A 574 20.76 1.07 17.98
CA ILE A 574 19.78 0.17 18.53
C ILE A 574 19.17 0.82 19.77
N HIS A 575 17.90 1.19 19.68
CA HIS A 575 17.17 1.74 20.82
C HIS A 575 16.78 0.58 21.73
N ARG A 576 17.50 0.42 22.84
CA ARG A 576 17.39 -0.80 23.64
C ARG A 576 16.09 -0.89 24.42
N ASP A 577 15.50 0.23 24.84
CA ASP A 577 14.48 0.23 25.88
C ASP A 577 13.24 0.98 25.44
N LEU A 578 12.78 0.74 24.21
CA LEU A 578 11.55 1.38 23.75
C LEU A 578 10.38 0.93 24.63
N LYS A 579 9.55 1.90 25.03
CA LYS A 579 8.34 1.61 25.80
C LYS A 579 7.42 2.81 25.67
N SER A 580 6.13 2.57 25.96
CA SER A 580 5.15 3.63 25.81
C SER A 580 5.44 4.82 26.72
N ASN A 581 6.24 4.64 27.78
CA ASN A 581 6.66 5.75 28.60
C ASN A 581 7.81 6.54 28.00
N ASN A 582 8.48 5.98 26.98
CA ASN A 582 9.52 6.68 26.24
C ASN A 582 8.97 7.40 25.03
N ILE A 583 7.65 7.44 24.86
CA ILE A 583 7.00 8.10 23.73
C ILE A 583 6.23 9.29 24.27
N PHE A 584 6.38 10.43 23.62
CA PHE A 584 5.79 11.68 24.08
C PHE A 584 4.96 12.30 22.97
N LEU A 585 4.08 13.21 23.35
CA LEU A 585 3.19 13.90 22.41
C LEU A 585 3.31 15.39 22.67
N HIS A 586 3.84 16.12 21.69
CA HIS A 586 4.17 17.54 21.89
C HIS A 586 2.97 18.45 21.71
N GLU A 587 2.46 18.55 20.48
CA GLU A 587 1.38 19.46 20.14
C GLU A 587 0.61 18.90 18.95
N ASP A 588 -0.72 19.06 18.99
CA ASP A 588 -1.62 18.40 18.03
C ASP A 588 -1.20 16.96 17.79
N LEU A 589 -0.64 16.32 18.81
CA LEU A 589 -0.20 14.93 18.70
C LEU A 589 0.86 14.75 17.63
N THR A 590 2.07 15.26 17.89
CA THR A 590 3.26 14.95 17.07
C THR A 590 4.17 14.11 17.96
N VAL A 591 4.37 12.84 17.59
CA VAL A 591 5.09 11.93 18.46
C VAL A 591 6.57 12.28 18.48
N LYS A 592 7.22 12.00 19.61
CA LYS A 592 8.65 12.16 19.78
C LYS A 592 9.18 10.98 20.59
N ILE A 593 10.31 10.44 20.17
CA ILE A 593 10.93 9.29 20.83
C ILE A 593 12.11 9.78 21.64
N GLY A 594 12.32 9.17 22.81
CA GLY A 594 13.43 9.51 23.67
C GLY A 594 13.99 8.27 24.35
N ASP A 595 15.00 8.51 25.18
CA ASP A 595 15.69 7.48 25.94
C ASP A 595 16.64 6.66 25.08
N PHE A 596 16.87 7.06 23.82
CA PHE A 596 17.81 6.35 22.98
C PHE A 596 19.24 6.84 23.14
N GLY A 597 19.46 7.92 23.89
CA GLY A 597 20.78 8.47 24.07
C GLY A 597 21.64 7.59 24.95
N LEU A 598 22.73 8.17 25.46
CA LEU A 598 23.68 7.45 26.30
C LEU A 598 24.14 6.17 25.61
N ALA A 599 24.34 6.25 24.31
CA ALA A 599 24.75 5.07 23.54
C ALA A 599 26.09 4.52 24.03
N THR A 600 27.06 5.39 24.30
CA THR A 600 28.36 4.92 24.76
C THR A 600 28.26 4.22 26.10
N GLU A 601 27.58 4.84 27.07
CA GLU A 601 27.38 4.20 28.36
C GLU A 601 26.51 2.95 28.21
N LYS A 602 25.48 3.02 27.39
CA LYS A 602 24.64 1.87 27.10
C LYS A 602 25.36 0.91 26.15
N GLY A 616 10.92 -2.05 36.67
CA GLY A 616 9.57 -1.70 36.25
C GLY A 616 9.38 -1.71 34.74
N SER A 617 10.40 -2.17 34.02
CA SER A 617 10.35 -2.22 32.57
C SER A 617 10.04 -3.61 32.02
N ILE A 618 9.52 -4.52 32.84
CA ILE A 618 9.40 -5.92 32.43
C ILE A 618 8.50 -6.05 31.21
N LEU A 619 7.39 -5.32 31.17
CA LEU A 619 6.41 -5.52 30.11
C LEU A 619 7.04 -5.32 28.73
N TRP A 620 7.83 -4.27 28.55
CA TRP A 620 8.35 -3.91 27.24
C TRP A 620 9.66 -4.61 26.89
N MET A 621 10.31 -5.26 27.85
CA MET A 621 11.53 -5.99 27.55
C MET A 621 11.23 -7.16 26.63
N ALA A 622 12.08 -7.35 25.62
CA ALA A 622 11.88 -8.42 24.66
C ALA A 622 12.17 -9.77 25.34
N PRO A 623 11.58 -10.86 24.83
CA PRO A 623 11.85 -12.17 25.43
C PRO A 623 13.32 -12.51 25.47
N GLU A 624 14.07 -12.17 24.41
CA GLU A 624 15.50 -12.44 24.38
C GLU A 624 16.28 -11.49 25.26
N VAL A 625 15.65 -10.42 25.75
CA VAL A 625 16.30 -9.48 26.64
C VAL A 625 16.16 -9.96 28.08
N PRO A 633 21.85 -10.01 23.90
CA PRO A 633 20.41 -9.80 24.06
C PRO A 633 19.85 -8.71 23.17
N TYR A 634 20.74 -7.91 22.58
CA TYR A 634 20.35 -6.73 21.81
C TYR A 634 20.58 -6.98 20.33
N SER A 635 19.59 -6.63 19.51
CA SER A 635 19.71 -6.71 18.07
C SER A 635 18.57 -5.91 17.46
N PHE A 636 18.64 -5.71 16.13
CA PHE A 636 17.55 -5.01 15.45
C PHE A 636 16.24 -5.74 15.63
N GLN A 637 16.28 -7.08 15.65
CA GLN A 637 15.05 -7.84 15.85
C GLN A 637 14.42 -7.56 17.20
N SER A 638 15.24 -7.33 18.23
CA SER A 638 14.70 -7.08 19.57
C SER A 638 13.86 -5.82 19.61
N ASP A 639 14.23 -4.79 18.86
CA ASP A 639 13.44 -3.56 18.82
C ASP A 639 12.09 -3.79 18.16
N VAL A 640 12.01 -4.74 17.21
CA VAL A 640 10.75 -5.00 16.55
C VAL A 640 9.73 -5.54 17.53
N TYR A 641 10.15 -6.47 18.40
CA TYR A 641 9.23 -7.01 19.40
C TYR A 641 8.72 -5.91 20.33
N ALA A 642 9.61 -5.03 20.76
CA ALA A 642 9.19 -3.93 21.63
C ALA A 642 8.14 -3.07 20.94
N PHE A 643 8.32 -2.81 19.63
CA PHE A 643 7.30 -2.10 18.88
C PHE A 643 6.02 -2.91 18.80
N GLY A 644 6.14 -4.25 18.78
CA GLY A 644 4.95 -5.08 18.77
C GLY A 644 4.12 -4.93 20.04
N ILE A 645 4.79 -4.84 21.20
CA ILE A 645 4.08 -4.68 22.45
C ILE A 645 3.38 -3.33 22.52
N VAL A 646 4.01 -2.28 21.99
CA VAL A 646 3.39 -0.97 21.97
C VAL A 646 2.10 -1.01 21.14
N LEU A 647 2.10 -1.79 20.05
CA LEU A 647 0.89 -1.94 19.27
C LEU A 647 -0.24 -2.55 20.10
N TYR A 648 0.09 -3.56 20.91
CA TYR A 648 -0.94 -4.24 21.69
C TYR A 648 -1.64 -3.27 22.63
N GLU A 649 -0.88 -2.41 23.30
CA GLU A 649 -1.49 -1.44 24.20
C GLU A 649 -2.39 -0.48 23.43
N LEU A 650 -1.97 -0.03 22.26
CA LEU A 650 -2.77 0.88 21.47
C LEU A 650 -4.10 0.24 21.08
N MET A 651 -4.04 -0.84 20.29
CA MET A 651 -5.25 -1.45 19.76
C MET A 651 -6.17 -1.97 20.85
N THR A 652 -5.65 -2.65 21.86
CA THR A 652 -6.49 -3.19 22.93
C THR A 652 -6.96 -2.13 23.90
N GLY A 653 -6.16 -1.09 24.12
CA GLY A 653 -6.47 -0.12 25.14
C GLY A 653 -6.13 -0.56 26.55
N GLN A 654 -5.39 -1.65 26.69
CA GLN A 654 -5.03 -2.22 27.98
C GLN A 654 -3.51 -2.32 28.10
N LEU A 655 -3.07 -2.98 29.17
CA LEU A 655 -1.67 -3.35 29.32
C LEU A 655 -1.44 -4.78 28.87
N PRO A 656 -0.22 -5.14 28.49
CA PRO A 656 0.07 -6.53 28.14
C PRO A 656 -0.06 -7.44 29.36
N TYR A 657 -0.47 -8.67 29.10
CA TYR A 657 -0.62 -9.67 30.14
C TYR A 657 -1.65 -9.21 31.18
N SER A 676 1.69 -15.22 25.93
CA SER A 676 1.59 -14.21 24.88
C SER A 676 0.40 -13.30 25.14
N PRO A 677 0.45 -12.06 24.62
CA PRO A 677 -0.72 -11.20 24.70
C PRO A 677 -1.88 -11.78 23.91
N ASP A 678 -3.09 -11.50 24.38
CA ASP A 678 -4.30 -12.01 23.74
C ASP A 678 -4.71 -11.05 22.62
N LEU A 679 -4.47 -11.47 21.38
CA LEU A 679 -4.84 -10.64 20.23
C LEU A 679 -6.34 -10.40 20.16
N SER A 680 -7.14 -11.34 20.68
CA SER A 680 -8.59 -11.20 20.61
C SER A 680 -9.10 -9.94 21.30
N LYS A 681 -8.32 -9.38 22.24
CA LYS A 681 -8.75 -8.21 22.98
C LYS A 681 -8.91 -6.98 22.10
N VAL A 682 -8.37 -7.00 20.88
CA VAL A 682 -8.37 -5.79 20.06
C VAL A 682 -9.80 -5.34 19.79
N ARG A 683 -9.92 -4.06 19.43
CA ARG A 683 -11.22 -3.51 19.06
C ARG A 683 -11.82 -4.27 17.89
N SER A 684 -13.10 -4.05 17.64
CA SER A 684 -13.77 -4.70 16.52
C SER A 684 -13.44 -4.01 15.20
N ASN A 685 -13.28 -2.69 15.22
CA ASN A 685 -13.16 -1.92 13.98
C ASN A 685 -11.74 -1.90 13.41
N CYS A 686 -10.76 -2.48 14.11
CA CYS A 686 -9.41 -2.54 13.56
C CYS A 686 -9.31 -3.68 12.55
N PRO A 687 -8.90 -3.43 11.31
CA PRO A 687 -8.93 -4.46 10.29
C PRO A 687 -7.92 -5.57 10.56
N LYS A 688 -8.16 -6.71 9.92
CA LYS A 688 -7.29 -7.87 10.09
C LYS A 688 -5.89 -7.64 9.52
N ALA A 689 -5.70 -6.63 8.68
CA ALA A 689 -4.35 -6.32 8.21
C ALA A 689 -3.46 -5.92 9.39
N MET A 690 -3.98 -5.13 10.32
CA MET A 690 -3.27 -4.83 11.55
C MET A 690 -3.15 -6.03 12.45
N LYS A 691 -4.14 -6.92 12.43
CA LYS A 691 -4.07 -8.14 13.24
C LYS A 691 -2.87 -8.98 12.82
N ARG A 692 -2.65 -9.12 11.52
CA ARG A 692 -1.52 -9.92 11.04
C ARG A 692 -0.20 -9.19 11.26
N LEU A 693 -0.19 -7.88 11.05
CA LEU A 693 1.02 -7.10 11.27
C LEU A 693 1.52 -7.28 12.70
N MET A 694 0.61 -7.15 13.68
CA MET A 694 1.00 -7.32 15.08
C MET A 694 1.50 -8.74 15.33
N ALA A 695 0.84 -9.74 14.74
CA ALA A 695 1.24 -11.11 14.99
C ALA A 695 2.67 -11.38 14.54
N GLU A 696 3.09 -10.81 13.41
CA GLU A 696 4.46 -11.02 12.96
C GLU A 696 5.46 -10.45 13.95
N CYS A 697 5.23 -9.21 14.40
CA CYS A 697 6.19 -8.56 15.28
C CYS A 697 6.36 -9.33 16.59
N LEU A 698 5.32 -10.01 17.04
CA LEU A 698 5.38 -10.78 18.27
C LEU A 698 5.87 -12.21 18.04
N LYS A 699 6.38 -12.52 16.86
CA LYS A 699 6.88 -13.86 16.57
C LYS A 699 7.99 -14.23 17.54
N LYS A 700 8.00 -15.49 17.95
CA LYS A 700 8.92 -15.94 18.98
C LYS A 700 10.37 -15.83 18.52
N LYS A 701 10.66 -16.29 17.31
CA LYS A 701 12.03 -16.28 16.80
C LYS A 701 12.37 -14.91 16.22
N ARG A 702 13.64 -14.53 16.35
CA ARG A 702 14.10 -13.24 15.85
C ARG A 702 13.97 -13.16 14.33
N ASP A 703 14.34 -14.24 13.64
CA ASP A 703 14.49 -14.18 12.19
C ASP A 703 13.18 -13.88 11.48
N GLU A 704 12.08 -14.51 11.90
CA GLU A 704 10.83 -14.40 11.16
C GLU A 704 10.28 -12.98 11.15
N ARG A 705 10.74 -12.12 12.06
CA ARG A 705 10.15 -10.81 12.20
C ARG A 705 10.54 -9.92 11.01
N PRO A 706 9.68 -8.98 10.63
CA PRO A 706 10.06 -8.03 9.57
C PRO A 706 11.03 -6.99 10.08
N LEU A 707 11.35 -6.00 9.24
CA LEU A 707 12.18 -4.89 9.66
C LEU A 707 11.43 -3.60 9.38
N PHE A 708 11.85 -2.54 10.06
CA PHE A 708 11.10 -1.29 10.08
C PHE A 708 10.84 -0.67 8.72
N PRO A 709 11.73 -0.83 7.72
CA PRO A 709 11.42 -0.29 6.40
C PRO A 709 10.15 -0.90 5.82
N GLN A 710 9.90 -2.15 6.18
CA GLN A 710 8.72 -2.87 5.70
C GLN A 710 7.52 -2.61 6.59
N ILE A 711 7.72 -2.62 7.91
CA ILE A 711 6.63 -2.28 8.84
C ILE A 711 6.07 -0.92 8.49
N LEU A 712 6.95 0.06 8.27
CA LEU A 712 6.50 1.39 7.88
C LEU A 712 5.77 1.39 6.55
N ALA A 713 5.99 0.36 5.72
CA ALA A 713 5.32 0.27 4.42
C ALA A 713 3.94 -0.35 4.54
N SER A 714 3.80 -1.45 5.26
CA SER A 714 2.49 -2.06 5.43
C SER A 714 1.54 -1.15 6.19
N ILE A 715 2.04 -0.51 7.25
CA ILE A 715 1.21 0.40 8.03
C ILE A 715 0.71 1.58 7.20
N GLU A 716 1.45 1.98 6.16
CA GLU A 716 0.96 2.99 5.24
C GLU A 716 0.05 2.39 4.17
N LEU A 717 0.12 1.07 3.96
CA LEU A 717 -0.92 0.35 3.23
C LEU A 717 -2.18 0.22 4.08
N LEU A 718 -2.02 -0.14 5.35
CA LEU A 718 -3.12 -0.24 6.29
C LEU A 718 -3.78 1.11 6.55
N ALA A 719 -3.10 2.21 6.24
CA ALA A 719 -3.64 3.55 6.46
C ALA A 719 -4.32 4.09 5.22
N ARG A 720 -3.87 3.68 4.03
CA ARG A 720 -4.56 4.06 2.80
C ARG A 720 -5.88 3.33 2.62
N SER A 721 -6.10 2.24 3.36
CA SER A 721 -7.27 1.38 3.18
C SER A 721 -8.37 1.66 4.19
N LEU A 722 -8.22 2.66 5.04
CA LEU A 722 -9.28 3.00 5.99
C LEU A 722 -10.37 3.83 5.31
N PRO A 723 -10.03 4.88 4.56
CA PRO A 723 -11.07 5.64 3.86
C PRO A 723 -11.59 4.99 2.59
N LYS A 724 -11.22 3.73 2.35
CA LYS A 724 -11.53 3.04 1.12
C LYS A 724 -12.31 1.74 1.34
N ILE A 725 -11.96 0.97 2.36
CA ILE A 725 -12.57 -0.34 2.57
C ILE A 725 -13.23 -0.39 3.95
N HIS A 726 -13.75 0.75 4.41
CA HIS A 726 -14.62 0.79 5.57
C HIS A 726 -16.01 0.37 5.11
N ARG A 727 -16.56 -0.67 5.73
CA ARG A 727 -17.78 -1.26 5.23
C ARG A 727 -18.26 -2.35 6.18
N SER A 728 -19.46 -2.85 5.90
CA SER A 728 -19.88 -4.16 6.37
C SER A 728 -19.68 -5.17 5.25
N ALA A 729 -19.01 -6.28 5.58
CA ALA A 729 -18.52 -7.21 4.57
C ALA A 729 -19.57 -7.59 3.53
N GLU A 731 -19.96 -9.67 -0.59
CA GLU A 731 -19.70 -11.00 -1.13
C GLU A 731 -18.39 -11.04 -1.93
N PRO A 732 -17.49 -11.96 -1.59
CA PRO A 732 -16.26 -12.09 -2.35
C PRO A 732 -16.43 -13.01 -3.56
N SER A 733 -15.47 -12.91 -4.48
CA SER A 733 -15.48 -13.78 -5.65
C SER A 733 -14.87 -15.14 -5.32
N LEU A 734 -15.26 -16.14 -6.08
CA LEU A 734 -14.71 -17.48 -5.90
C LEU A 734 -13.20 -17.47 -6.14
N ASN A 735 -12.52 -18.47 -5.61
CA ASN A 735 -11.08 -18.57 -5.80
C ASN A 735 -10.75 -18.55 -7.28
N ARG A 736 -9.88 -17.62 -7.68
CA ARG A 736 -9.43 -17.48 -9.06
C ARG A 736 -7.92 -17.63 -9.15
N ALA A 737 -7.38 -18.61 -8.42
CA ALA A 737 -5.96 -18.92 -8.47
C ALA A 737 -5.73 -20.24 -7.76
N GLY A 738 -4.83 -21.05 -8.29
CA GLY A 738 -4.52 -22.34 -7.71
C GLY A 738 -3.04 -22.61 -7.68
N PHE A 739 -2.55 -23.14 -6.57
CA PHE A 739 -1.12 -23.41 -6.41
C PHE A 739 -0.91 -24.70 -5.63
N ASP B 1 -18.11 -15.78 -32.87
CA ASP B 1 -18.95 -16.84 -32.34
C ASP B 1 -18.79 -16.88 -30.83
N LYS B 2 -19.79 -17.46 -30.16
CA LYS B 2 -19.82 -17.43 -28.70
C LYS B 2 -18.58 -18.07 -28.11
N ASN B 3 -18.22 -19.27 -28.59
CA ASN B 3 -17.08 -19.98 -28.02
C ASN B 3 -15.81 -19.15 -28.15
N GLU B 4 -15.67 -18.39 -29.23
CA GLU B 4 -14.51 -17.54 -29.42
C GLU B 4 -14.48 -16.42 -28.37
N LEU B 5 -15.63 -15.81 -28.12
CA LEU B 5 -15.68 -14.66 -27.22
C LEU B 5 -15.44 -15.06 -25.78
N VAL B 6 -15.73 -16.30 -25.42
CA VAL B 6 -15.42 -16.76 -24.06
C VAL B 6 -13.91 -16.79 -23.86
N GLN B 7 -13.16 -17.28 -24.84
CA GLN B 7 -11.70 -17.26 -24.75
C GLN B 7 -11.17 -15.84 -24.74
N LYS B 8 -11.72 -14.98 -25.60
CA LYS B 8 -11.26 -13.59 -25.65
C LYS B 8 -11.58 -12.85 -24.35
N ALA B 9 -12.46 -13.41 -23.52
CA ALA B 9 -12.78 -12.80 -22.23
C ALA B 9 -11.88 -13.35 -21.12
N LYS B 10 -11.52 -14.62 -21.21
CA LYS B 10 -10.59 -15.19 -20.24
C LYS B 10 -9.15 -14.75 -20.51
N LEU B 11 -8.89 -14.13 -21.66
CA LEU B 11 -7.59 -13.48 -21.87
C LEU B 11 -7.49 -12.16 -21.13
N ALA B 12 -8.61 -11.53 -20.80
CA ALA B 12 -8.62 -10.34 -19.96
C ALA B 12 -8.83 -10.68 -18.49
N GLU B 13 -9.27 -11.89 -18.17
CA GLU B 13 -9.25 -12.35 -16.79
C GLU B 13 -7.82 -12.37 -16.28
N GLN B 14 -6.98 -13.21 -16.87
CA GLN B 14 -5.55 -13.08 -16.71
C GLN B 14 -5.10 -11.83 -17.46
N ALA B 15 -4.15 -11.10 -16.88
CA ALA B 15 -3.68 -9.84 -17.45
C ALA B 15 -4.72 -8.74 -17.35
N GLU B 16 -5.75 -8.95 -16.53
CA GLU B 16 -6.70 -7.90 -16.17
C GLU B 16 -7.22 -7.14 -17.39
N ARG B 17 -7.29 -5.82 -17.32
CA ARG B 17 -7.94 -5.02 -18.37
C ARG B 17 -9.42 -5.39 -18.45
N TYR B 18 -10.14 -5.18 -17.35
CA TYR B 18 -11.51 -5.67 -17.24
C TYR B 18 -12.48 -4.92 -18.15
N ASP B 19 -12.11 -3.74 -18.62
CA ASP B 19 -12.97 -3.04 -19.58
C ASP B 19 -13.11 -3.82 -20.87
N ASP B 20 -12.06 -4.55 -21.27
CA ASP B 20 -12.18 -5.46 -22.41
C ASP B 20 -12.99 -6.70 -22.04
N MET B 21 -12.83 -7.18 -20.81
CA MET B 21 -13.56 -8.36 -20.37
C MET B 21 -15.07 -8.13 -20.42
N ALA B 22 -15.51 -6.92 -20.06
CA ALA B 22 -16.93 -6.61 -20.10
C ALA B 22 -17.46 -6.67 -21.53
N ALA B 23 -16.69 -6.15 -22.49
CA ALA B 23 -17.17 -6.08 -23.86
C ALA B 23 -17.40 -7.46 -24.45
N CYS B 24 -16.53 -8.42 -24.13
CA CYS B 24 -16.67 -9.77 -24.66
C CYS B 24 -17.93 -10.44 -24.13
N MET B 25 -18.10 -10.44 -22.80
CA MET B 25 -19.25 -11.11 -22.21
C MET B 25 -20.55 -10.40 -22.55
N LYS B 26 -20.55 -9.07 -22.62
CA LYS B 26 -21.76 -8.36 -22.97
C LYS B 26 -22.30 -8.81 -24.32
N SER B 27 -21.42 -8.91 -25.32
CA SER B 27 -21.85 -9.38 -26.64
C SER B 27 -22.27 -10.85 -26.59
N VAL B 28 -21.59 -11.66 -25.78
CA VAL B 28 -21.99 -13.06 -25.62
C VAL B 28 -23.44 -13.15 -25.18
N THR B 29 -23.83 -12.32 -24.21
CA THR B 29 -25.18 -12.39 -23.66
C THR B 29 -26.22 -11.96 -24.69
N GLU B 30 -25.89 -10.97 -25.52
CA GLU B 30 -26.87 -10.44 -26.46
C GLU B 30 -27.32 -11.48 -27.49
N GLN B 31 -26.60 -12.59 -27.63
CA GLN B 31 -27.02 -13.64 -28.56
C GLN B 31 -28.39 -14.21 -28.19
N GLY B 32 -28.78 -14.17 -26.92
CA GLY B 32 -30.07 -14.65 -26.48
C GLY B 32 -30.06 -16.03 -25.86
N ALA B 33 -29.01 -16.83 -26.08
CA ALA B 33 -28.96 -18.15 -25.48
C ALA B 33 -28.64 -18.06 -24.00
N GLU B 34 -29.01 -19.10 -23.26
CA GLU B 34 -28.72 -19.14 -21.83
C GLU B 34 -27.24 -19.37 -21.59
N LEU B 35 -26.67 -18.63 -20.66
CA LEU B 35 -25.25 -18.78 -20.36
C LEU B 35 -25.03 -19.98 -19.45
N SER B 36 -23.95 -20.70 -19.71
CA SER B 36 -23.51 -21.75 -18.80
C SER B 36 -23.03 -21.13 -17.49
N ASN B 37 -22.99 -21.94 -16.44
CA ASN B 37 -22.65 -21.40 -15.13
C ASN B 37 -21.25 -20.81 -15.14
N GLU B 38 -20.29 -21.50 -15.74
CA GLU B 38 -18.94 -20.93 -15.87
C GLU B 38 -18.98 -19.64 -16.68
N GLU B 39 -19.71 -19.65 -17.79
CA GLU B 39 -19.87 -18.43 -18.57
C GLU B 39 -20.67 -17.38 -17.81
N ARG B 40 -21.39 -17.79 -16.76
CA ARG B 40 -22.18 -16.85 -15.99
C ARG B 40 -21.32 -16.06 -15.01
N ASN B 41 -20.31 -16.72 -14.42
CA ASN B 41 -19.41 -16.03 -13.51
C ASN B 41 -18.59 -14.98 -14.24
N LEU B 42 -18.19 -15.26 -15.48
CA LEU B 42 -17.36 -14.31 -16.21
C LEU B 42 -18.05 -12.98 -16.39
N LEU B 43 -19.37 -13.00 -16.62
CA LEU B 43 -20.11 -11.74 -16.70
C LEU B 43 -20.27 -11.13 -15.31
N SER B 44 -20.32 -11.96 -14.27
CA SER B 44 -20.39 -11.45 -12.91
C SER B 44 -19.09 -10.73 -12.53
N VAL B 45 -17.96 -11.38 -12.75
CA VAL B 45 -16.67 -10.83 -12.34
C VAL B 45 -16.25 -9.69 -13.25
N ALA B 46 -16.71 -9.71 -14.50
CA ALA B 46 -16.35 -8.64 -15.42
C ALA B 46 -16.86 -7.29 -14.92
N TYR B 47 -18.08 -7.26 -14.39
CA TYR B 47 -18.65 -6.02 -13.88
C TYR B 47 -18.32 -5.80 -12.41
N LYS B 48 -18.06 -6.87 -11.67
CA LYS B 48 -17.73 -6.74 -10.26
C LYS B 48 -16.50 -5.87 -10.07
N ASN B 49 -15.60 -5.87 -11.07
CA ASN B 49 -14.35 -5.12 -10.95
C ASN B 49 -14.41 -3.76 -11.63
N VAL B 50 -15.30 -3.60 -12.62
CA VAL B 50 -15.43 -2.31 -13.27
C VAL B 50 -16.08 -1.29 -12.33
N VAL B 51 -17.16 -1.70 -11.64
CA VAL B 51 -17.78 -0.82 -10.65
C VAL B 51 -16.91 -0.73 -9.41
N GLY B 52 -16.32 -1.85 -8.99
CA GLY B 52 -15.56 -1.86 -7.75
C GLY B 52 -14.45 -0.83 -7.75
N ALA B 53 -13.97 -0.44 -8.93
CA ALA B 53 -12.94 0.58 -9.01
C ALA B 53 -13.51 1.96 -8.72
N ARG B 54 -14.69 2.26 -9.26
CA ARG B 54 -15.30 3.57 -8.99
C ARG B 54 -15.90 3.64 -7.60
N ARG B 55 -16.41 2.52 -7.08
CA ARG B 55 -16.90 2.51 -5.71
C ARG B 55 -15.78 2.92 -4.75
N SER B 56 -14.63 2.28 -4.86
CA SER B 56 -13.50 2.61 -4.00
C SER B 56 -13.03 4.03 -4.22
N SER B 57 -12.96 4.46 -5.48
CA SER B 57 -12.51 5.82 -5.77
C SER B 57 -13.48 6.84 -5.22
N TRP B 58 -14.79 6.60 -5.34
CA TRP B 58 -15.78 7.55 -4.86
C TRP B 58 -15.68 7.71 -3.34
N ARG B 59 -15.42 6.61 -2.62
CA ARG B 59 -15.31 6.71 -1.18
C ARG B 59 -14.14 7.61 -0.77
N VAL B 60 -12.99 7.45 -1.42
CA VAL B 60 -11.81 8.22 -1.03
C VAL B 60 -12.04 9.70 -1.28
N VAL B 61 -12.51 10.06 -2.47
CA VAL B 61 -12.80 11.46 -2.74
C VAL B 61 -13.87 11.99 -1.81
N SER B 62 -14.73 11.10 -1.30
CA SER B 62 -15.75 11.52 -0.35
C SER B 62 -15.12 11.88 0.99
N SER B 63 -14.21 11.04 1.48
CA SER B 63 -13.57 11.31 2.77
C SER B 63 -12.72 12.57 2.72
N ILE B 64 -12.20 12.92 1.54
CA ILE B 64 -11.36 14.11 1.42
C ILE B 64 -12.20 15.36 1.62
N GLU B 65 -13.36 15.43 0.96
CA GLU B 65 -14.20 16.61 1.10
C GLU B 65 -14.70 16.79 2.52
N GLN B 66 -15.10 15.69 3.17
CA GLN B 66 -15.55 15.77 4.56
C GLN B 66 -14.45 16.25 5.50
N LYS B 67 -13.19 16.11 5.11
CA LYS B 67 -12.07 16.48 5.97
C LYS B 67 -11.58 17.89 5.74
N THR B 68 -11.76 18.43 4.53
CA THR B 68 -11.33 19.80 4.27
C THR B 68 -12.29 20.81 4.87
N GLU B 69 -13.58 20.47 4.97
CA GLU B 69 -14.57 21.39 5.52
C GLU B 69 -14.46 21.47 7.03
N GLU B 72 -12.73 28.18 0.28
CA GLU B 72 -12.16 26.84 0.16
C GLU B 72 -12.21 26.37 -1.29
N LYS B 73 -11.40 27.01 -2.14
CA LYS B 73 -11.39 26.64 -3.55
C LYS B 73 -10.91 25.21 -3.75
N LYS B 74 -10.12 24.68 -2.82
CA LYS B 74 -9.68 23.30 -2.92
C LYS B 74 -10.87 22.34 -2.87
N GLN B 75 -11.79 22.57 -1.93
CA GLN B 75 -12.95 21.68 -1.81
C GLN B 75 -13.98 21.98 -2.90
N GLN B 76 -14.02 23.22 -3.39
CA GLN B 76 -14.92 23.54 -4.49
C GLN B 76 -14.56 22.75 -5.75
N MET B 77 -13.27 22.46 -5.93
CA MET B 77 -12.86 21.64 -7.06
C MET B 77 -12.98 20.16 -6.74
N ALA B 78 -12.61 19.77 -5.52
CA ALA B 78 -12.74 18.36 -5.13
C ALA B 78 -14.19 17.90 -5.21
N ARG B 79 -15.14 18.83 -5.15
CA ARG B 79 -16.55 18.46 -5.27
C ARG B 79 -16.87 17.99 -6.68
N GLU B 80 -16.45 18.75 -7.68
CA GLU B 80 -16.76 18.39 -9.07
C GLU B 80 -16.09 17.09 -9.48
N TYR B 81 -14.97 16.74 -8.86
CA TYR B 81 -14.29 15.49 -9.19
C TYR B 81 -15.03 14.29 -8.64
N ARG B 82 -15.68 14.43 -7.48
CA ARG B 82 -16.51 13.34 -6.97
C ARG B 82 -17.68 13.08 -7.90
N GLU B 83 -18.29 14.13 -8.44
CA GLU B 83 -19.36 13.94 -9.41
C GLU B 83 -18.89 13.19 -10.65
N LYS B 84 -17.62 13.41 -11.04
CA LYS B 84 -17.11 12.74 -12.23
C LYS B 84 -17.13 11.23 -12.07
N ILE B 85 -16.73 10.73 -10.90
CA ILE B 85 -16.78 9.29 -10.66
C ILE B 85 -18.22 8.82 -10.59
N GLU B 86 -19.10 9.62 -9.99
CA GLU B 86 -20.50 9.22 -9.86
C GLU B 86 -21.15 9.04 -11.23
N THR B 87 -20.90 9.97 -12.16
CA THR B 87 -21.50 9.89 -13.48
C THR B 87 -21.00 8.69 -14.27
N GLU B 88 -19.92 8.04 -13.83
CA GLU B 88 -19.49 6.80 -14.47
C GLU B 88 -20.21 5.60 -13.86
N LEU B 89 -20.34 5.57 -12.54
CA LEU B 89 -21.03 4.47 -11.88
C LEU B 89 -22.46 4.33 -12.40
N ARG B 90 -23.08 5.44 -12.78
CA ARG B 90 -24.44 5.39 -13.31
C ARG B 90 -24.48 4.62 -14.62
N ASP B 91 -23.53 4.90 -15.52
CA ASP B 91 -23.52 4.23 -16.82
C ASP B 91 -23.24 2.75 -16.67
N ILE B 92 -22.29 2.38 -15.81
CA ILE B 92 -21.96 0.97 -15.65
C ILE B 92 -23.14 0.20 -15.10
N CYS B 93 -23.83 0.77 -14.11
CA CYS B 93 -24.99 0.09 -13.53
C CYS B 93 -26.12 -0.04 -14.54
N ASN B 94 -26.39 1.01 -15.31
CA ASN B 94 -27.49 0.96 -16.26
C ASN B 94 -27.29 -0.12 -17.30
N ASP B 95 -26.05 -0.31 -17.76
CA ASP B 95 -25.80 -1.29 -18.81
C ASP B 95 -25.98 -2.72 -18.32
N VAL B 96 -25.67 -2.96 -17.05
CA VAL B 96 -25.93 -4.29 -16.49
C VAL B 96 -27.43 -4.52 -16.32
N LEU B 97 -28.14 -3.51 -15.80
CA LEU B 97 -29.57 -3.67 -15.56
C LEU B 97 -30.32 -3.88 -16.87
N SER B 98 -30.06 -3.05 -17.87
CA SER B 98 -30.71 -3.24 -19.16
C SER B 98 -30.34 -4.60 -19.76
N LEU B 99 -29.09 -5.03 -19.59
CA LEU B 99 -28.70 -6.36 -20.04
C LEU B 99 -29.44 -7.43 -19.25
N LEU B 100 -29.61 -7.22 -17.94
CA LEU B 100 -30.34 -8.19 -17.13
C LEU B 100 -31.82 -8.21 -17.49
N GLU B 101 -32.41 -7.04 -17.70
CA GLU B 101 -33.85 -6.96 -17.95
C GLU B 101 -34.20 -7.45 -19.35
N LYS B 102 -33.41 -7.06 -20.35
CA LYS B 102 -33.80 -7.27 -21.73
C LYS B 102 -33.39 -8.63 -22.29
N PHE B 103 -32.28 -9.19 -21.84
CA PHE B 103 -31.74 -10.41 -22.41
C PHE B 103 -31.67 -11.57 -21.43
N LEU B 104 -31.07 -11.35 -20.26
CA LEU B 104 -30.75 -12.47 -19.37
C LEU B 104 -32.00 -12.97 -18.66
N ILE B 105 -32.71 -12.10 -17.94
CA ILE B 105 -33.82 -12.50 -17.09
C ILE B 105 -34.93 -13.15 -17.91
N PRO B 106 -35.34 -12.57 -19.04
CA PRO B 106 -36.45 -13.19 -19.80
C PRO B 106 -36.17 -14.62 -20.23
N ASN B 107 -34.91 -14.97 -20.52
CA ASN B 107 -34.57 -16.30 -21.00
C ASN B 107 -33.96 -17.18 -19.91
N ALA B 108 -34.07 -16.78 -18.64
CA ALA B 108 -33.47 -17.57 -17.57
C ALA B 108 -33.96 -19.01 -17.61
N SER B 109 -35.25 -19.22 -17.35
CA SER B 109 -35.90 -20.53 -17.47
C SER B 109 -35.18 -21.62 -16.67
N GLN B 110 -34.74 -21.31 -15.45
CA GLN B 110 -34.14 -22.32 -14.59
C GLN B 110 -34.01 -21.74 -13.19
N ALA B 111 -33.95 -22.64 -12.20
CA ALA B 111 -33.94 -22.20 -10.81
C ALA B 111 -32.73 -21.31 -10.50
N GLU B 112 -31.53 -21.90 -10.52
CA GLU B 112 -30.34 -21.16 -10.10
C GLU B 112 -30.17 -19.88 -10.92
N SER B 113 -30.53 -19.91 -12.19
CA SER B 113 -30.39 -18.73 -13.03
C SER B 113 -31.27 -17.58 -12.53
N LYS B 114 -32.51 -17.90 -12.14
CA LYS B 114 -33.44 -16.86 -11.73
C LYS B 114 -32.95 -16.12 -10.49
N VAL B 115 -32.44 -16.87 -9.51
CA VAL B 115 -31.90 -16.23 -8.31
C VAL B 115 -30.68 -15.39 -8.65
N PHE B 116 -29.81 -15.91 -9.50
CA PHE B 116 -28.58 -15.22 -9.84
C PHE B 116 -28.87 -13.86 -10.46
N TYR B 117 -29.74 -13.81 -11.47
CA TYR B 117 -30.00 -12.56 -12.18
C TYR B 117 -30.74 -11.56 -11.30
N LEU B 118 -31.68 -12.03 -10.47
CA LEU B 118 -32.42 -11.12 -9.62
C LEU B 118 -31.56 -10.58 -8.48
N LYS B 119 -30.77 -11.44 -7.86
CA LYS B 119 -29.79 -10.96 -6.87
C LYS B 119 -28.86 -9.93 -7.50
N MET B 120 -28.36 -10.21 -8.70
CA MET B 120 -27.53 -9.25 -9.41
C MET B 120 -28.30 -7.96 -9.68
N LYS B 121 -29.57 -8.09 -10.07
CA LYS B 121 -30.40 -6.90 -10.25
C LYS B 121 -30.53 -6.14 -8.94
N GLY B 122 -30.59 -6.86 -7.82
CA GLY B 122 -30.68 -6.22 -6.52
C GLY B 122 -29.43 -5.43 -6.17
N ASP B 123 -28.26 -6.02 -6.43
CA ASP B 123 -27.00 -5.36 -6.08
C ASP B 123 -26.84 -4.05 -6.83
N TYR B 124 -27.01 -4.07 -8.15
CA TYR B 124 -26.69 -2.90 -8.94
C TYR B 124 -27.70 -1.78 -8.78
N TYR B 125 -28.82 -2.05 -8.10
CA TYR B 125 -29.67 -0.97 -7.64
C TYR B 125 -29.18 -0.40 -6.32
N ARG B 126 -28.67 -1.27 -5.44
CA ARG B 126 -28.10 -0.81 -4.19
C ARG B 126 -26.93 0.14 -4.43
N TYR B 127 -26.05 -0.21 -5.37
CA TYR B 127 -24.89 0.64 -5.65
C TYR B 127 -25.31 2.03 -6.10
N LEU B 128 -26.51 2.17 -6.67
CA LEU B 128 -27.02 3.49 -6.99
C LEU B 128 -27.53 4.21 -5.75
N ALA B 129 -28.04 3.46 -4.76
CA ALA B 129 -28.49 4.08 -3.52
C ALA B 129 -27.35 4.77 -2.80
N GLU B 130 -26.17 4.14 -2.75
CA GLU B 130 -25.04 4.71 -2.05
C GLU B 130 -24.60 6.04 -2.64
N VAL B 131 -25.05 6.36 -3.85
CA VAL B 131 -24.64 7.57 -4.57
C VAL B 131 -25.78 8.56 -4.71
N ALA B 132 -27.01 8.07 -4.89
CA ALA B 132 -28.12 8.93 -5.23
C ALA B 132 -28.56 9.78 -4.04
N ALA B 133 -29.36 10.80 -4.33
CA ALA B 133 -29.86 11.69 -3.29
C ALA B 133 -31.18 11.16 -2.72
N GLY B 134 -31.79 11.97 -1.84
CA GLY B 134 -32.92 11.50 -1.08
C GLY B 134 -34.02 10.88 -1.92
N ASP B 135 -34.66 11.69 -2.77
CA ASP B 135 -35.78 11.19 -3.55
C ASP B 135 -35.35 10.06 -4.49
N ASP B 136 -34.22 10.23 -5.18
CA ASP B 136 -33.73 9.17 -6.06
C ASP B 136 -33.33 7.94 -5.26
N LYS B 137 -32.82 8.14 -4.04
CA LYS B 137 -32.47 7.00 -3.20
C LYS B 137 -33.69 6.17 -2.87
N LYS B 138 -34.81 6.82 -2.55
CA LYS B 138 -36.02 6.09 -2.18
C LYS B 138 -36.54 5.26 -3.35
N GLY B 139 -36.61 5.85 -4.54
CA GLY B 139 -37.02 5.09 -5.71
C GLY B 139 -36.08 3.93 -5.99
N ILE B 140 -34.78 4.18 -5.86
CA ILE B 140 -33.79 3.12 -6.06
C ILE B 140 -33.85 2.11 -4.93
N VAL B 141 -34.04 2.57 -3.69
CA VAL B 141 -34.02 1.67 -2.55
C VAL B 141 -35.17 0.67 -2.64
N ASP B 142 -36.35 1.12 -3.06
CA ASP B 142 -37.48 0.21 -3.18
C ASP B 142 -37.20 -0.88 -4.21
N GLN B 143 -36.67 -0.48 -5.37
CA GLN B 143 -36.43 -1.45 -6.44
C GLN B 143 -35.45 -2.52 -6.02
N SER B 144 -34.39 -2.14 -5.31
CA SER B 144 -33.42 -3.13 -4.85
C SER B 144 -34.08 -4.13 -3.91
N GLN B 145 -35.16 -3.73 -3.24
CA GLN B 145 -35.82 -4.63 -2.29
C GLN B 145 -36.76 -5.59 -3.01
N GLN B 146 -37.49 -5.10 -4.01
CA GLN B 146 -38.38 -5.97 -4.76
C GLN B 146 -37.58 -7.08 -5.45
N ALA B 147 -36.47 -6.72 -6.08
CA ALA B 147 -35.60 -7.72 -6.69
C ALA B 147 -34.99 -8.64 -5.65
N TYR B 148 -34.48 -8.07 -4.56
CA TYR B 148 -33.94 -8.89 -3.48
C TYR B 148 -35.01 -9.79 -2.90
N GLN B 149 -36.20 -9.24 -2.65
CA GLN B 149 -37.27 -10.04 -2.08
C GLN B 149 -37.72 -11.14 -3.04
N GLU B 150 -37.86 -10.80 -4.33
CA GLU B 150 -38.31 -11.78 -5.30
C GLU B 150 -37.34 -12.96 -5.37
N ALA B 151 -36.04 -12.67 -5.43
CA ALA B 151 -35.05 -13.74 -5.36
C ALA B 151 -35.11 -14.43 -3.99
N PHE B 152 -35.39 -13.67 -2.94
CA PHE B 152 -35.50 -14.26 -1.61
C PHE B 152 -36.63 -15.25 -1.52
N GLU B 153 -37.63 -15.13 -2.41
CA GLU B 153 -38.76 -16.06 -2.40
C GLU B 153 -38.42 -17.34 -3.16
N ILE B 154 -37.93 -17.20 -4.39
CA ILE B 154 -37.63 -18.36 -5.22
C ILE B 154 -36.56 -19.21 -4.55
N SER B 155 -35.52 -18.57 -4.01
CA SER B 155 -34.39 -19.30 -3.47
C SER B 155 -34.81 -20.21 -2.31
N LYS B 156 -35.53 -19.65 -1.34
CA LYS B 156 -35.92 -20.45 -0.18
C LYS B 156 -36.84 -21.59 -0.58
N LYS B 157 -37.56 -21.44 -1.69
CA LYS B 157 -38.49 -22.49 -2.11
C LYS B 157 -37.75 -23.67 -2.75
N GLU B 158 -36.69 -23.40 -3.50
CA GLU B 158 -36.13 -24.36 -4.43
C GLU B 158 -34.69 -24.78 -4.14
N MET B 159 -33.89 -23.94 -3.53
CA MET B 159 -32.47 -24.23 -3.35
C MET B 159 -32.23 -25.08 -2.10
N GLN B 160 -31.06 -25.70 -2.06
CA GLN B 160 -30.72 -26.59 -0.97
C GLN B 160 -30.49 -25.80 0.31
N PRO B 161 -30.47 -26.48 1.46
CA PRO B 161 -30.20 -25.77 2.72
C PRO B 161 -28.90 -24.98 2.69
N THR B 162 -27.85 -25.53 2.08
CA THR B 162 -26.59 -24.85 1.88
C THR B 162 -26.33 -24.72 0.38
N HIS B 163 -26.05 -23.49 -0.06
CA HIS B 163 -25.75 -23.25 -1.47
C HIS B 163 -25.07 -21.90 -1.56
N PRO B 164 -23.96 -21.78 -2.30
CA PRO B 164 -23.29 -20.47 -2.37
C PRO B 164 -24.21 -19.35 -2.81
N ILE B 165 -25.11 -19.63 -3.77
CA ILE B 165 -26.04 -18.59 -4.19
C ILE B 165 -27.07 -18.32 -3.10
N ARG B 166 -27.45 -19.34 -2.34
CA ARG B 166 -28.43 -19.14 -1.28
C ARG B 166 -27.87 -18.25 -0.18
N LEU B 167 -26.69 -18.58 0.33
CA LEU B 167 -26.09 -17.76 1.39
C LEU B 167 -25.66 -16.40 0.84
N GLY B 168 -25.19 -16.35 -0.41
CA GLY B 168 -24.77 -15.09 -0.97
C GLY B 168 -25.90 -14.08 -1.08
N LEU B 169 -27.12 -14.55 -1.25
CA LEU B 169 -28.27 -13.63 -1.27
C LEU B 169 -28.60 -13.15 0.13
N ALA B 170 -28.52 -14.05 1.13
CA ALA B 170 -28.77 -13.65 2.51
C ALA B 170 -27.73 -12.63 2.98
N LEU B 171 -26.46 -12.86 2.61
CA LEU B 171 -25.40 -11.93 3.00
C LEU B 171 -25.63 -10.56 2.39
N ASN B 172 -25.97 -10.50 1.11
CA ASN B 172 -26.16 -9.22 0.44
C ASN B 172 -27.48 -8.58 0.82
N PHE B 173 -28.51 -9.38 1.12
CA PHE B 173 -29.79 -8.79 1.49
C PHE B 173 -29.72 -8.17 2.87
N SER B 174 -29.09 -8.86 3.83
CA SER B 174 -28.93 -8.30 5.17
C SER B 174 -28.11 -7.01 5.12
N VAL B 175 -27.04 -7.00 4.34
CA VAL B 175 -26.22 -5.79 4.22
C VAL B 175 -27.07 -4.64 3.70
N PHE B 176 -28.03 -4.93 2.83
CA PHE B 176 -28.92 -3.89 2.34
C PHE B 176 -29.72 -3.28 3.49
N TYR B 177 -30.23 -4.13 4.39
CA TYR B 177 -30.97 -3.64 5.54
C TYR B 177 -30.08 -2.82 6.46
N TYR B 178 -28.94 -3.38 6.86
CA TYR B 178 -28.08 -2.74 7.84
C TYR B 178 -27.47 -1.44 7.31
N GLU B 179 -27.12 -1.42 6.02
CA GLU B 179 -26.36 -0.31 5.46
C GLU B 179 -27.23 0.72 4.75
N ILE B 180 -28.34 0.30 4.15
CA ILE B 180 -29.18 1.19 3.36
C ILE B 180 -30.45 1.58 4.12
N LEU B 181 -31.10 0.62 4.78
CA LEU B 181 -32.32 0.87 5.52
C LEU B 181 -32.09 1.17 7.00
N ASN B 182 -30.86 1.03 7.49
CA ASN B 182 -30.52 1.35 8.88
C ASN B 182 -31.40 0.58 9.86
N SER B 183 -31.67 -0.69 9.54
CA SER B 183 -32.46 -1.54 10.41
C SER B 183 -31.57 -2.62 10.98
N PRO B 184 -30.73 -2.30 11.97
CA PRO B 184 -29.73 -3.28 12.42
C PRO B 184 -30.32 -4.60 12.91
N GLU B 185 -31.45 -4.56 13.62
CA GLU B 185 -32.03 -5.82 14.10
C GLU B 185 -32.76 -6.54 12.96
N LYS B 186 -33.34 -5.79 12.04
CA LYS B 186 -33.94 -6.40 10.86
C LYS B 186 -32.89 -7.15 10.05
N ALA B 187 -31.68 -6.58 9.94
CA ALA B 187 -30.60 -7.26 9.25
C ALA B 187 -30.00 -8.37 10.11
N CYS B 188 -29.95 -8.17 11.42
CA CYS B 188 -29.30 -9.15 12.29
C CYS B 188 -30.03 -10.49 12.25
N SER B 189 -31.36 -10.47 12.29
CA SER B 189 -32.11 -11.71 12.30
C SER B 189 -31.94 -12.48 11.00
N LEU B 190 -31.99 -11.77 9.87
CA LEU B 190 -31.88 -12.43 8.57
C LEU B 190 -30.58 -13.21 8.47
N ALA B 191 -29.46 -12.57 8.78
CA ALA B 191 -28.17 -13.26 8.73
C ALA B 191 -28.11 -14.38 9.76
N LYS B 192 -28.64 -14.13 10.96
CA LYS B 192 -28.52 -15.10 12.04
C LYS B 192 -29.17 -16.42 11.66
N THR B 193 -30.36 -16.38 11.07
CA THR B 193 -31.03 -17.60 10.65
C THR B 193 -30.28 -18.28 9.51
N ALA B 194 -29.77 -17.49 8.57
CA ALA B 194 -29.03 -18.06 7.44
C ALA B 194 -27.82 -18.85 7.93
N PHE B 195 -27.06 -18.27 8.87
CA PHE B 195 -25.94 -18.98 9.45
C PHE B 195 -26.39 -20.25 10.16
N ASP B 196 -27.49 -20.16 10.93
CA ASP B 196 -27.97 -21.31 11.68
C ASP B 196 -28.46 -22.42 10.76
N GLU B 197 -29.27 -22.05 9.76
CA GLU B 197 -29.80 -23.07 8.85
C GLU B 197 -28.68 -23.77 8.09
N ALA B 198 -27.73 -22.99 7.57
CA ALA B 198 -26.66 -23.58 6.77
C ALA B 198 -25.80 -24.53 7.59
N ILE B 199 -25.36 -24.08 8.77
CA ILE B 199 -24.46 -24.91 9.57
C ILE B 199 -25.20 -26.13 10.12
N ALA B 200 -26.50 -26.01 10.37
CA ALA B 200 -27.25 -27.15 10.88
C ALA B 200 -27.18 -28.35 9.94
N GLU B 201 -27.02 -28.10 8.65
CA GLU B 201 -26.97 -29.15 7.64
C GLU B 201 -25.75 -28.96 6.74
N LEU B 202 -24.60 -28.67 7.35
CA LEU B 202 -23.41 -28.32 6.57
C LEU B 202 -23.03 -29.42 5.61
N ASP B 203 -23.30 -30.68 5.95
CA ASP B 203 -22.88 -31.80 5.11
C ASP B 203 -23.62 -31.85 3.77
N THR B 204 -24.71 -31.09 3.60
CA THR B 204 -25.35 -31.01 2.30
C THR B 204 -24.42 -30.44 1.24
N LEU B 205 -23.40 -29.68 1.65
CA LEU B 205 -22.37 -29.26 0.72
C LEU B 205 -21.61 -30.48 0.19
N SER B 206 -20.74 -30.24 -0.78
CA SER B 206 -19.93 -31.30 -1.35
C SER B 206 -18.57 -30.74 -1.72
N GLU B 207 -17.67 -31.65 -2.10
CA GLU B 207 -16.27 -31.28 -2.30
C GLU B 207 -16.10 -30.19 -3.33
N GLU B 208 -17.02 -30.07 -4.29
CA GLU B 208 -16.87 -29.09 -5.36
C GLU B 208 -17.20 -27.67 -4.91
N SER B 209 -17.98 -27.50 -3.84
CA SER B 209 -18.39 -26.17 -3.42
C SER B 209 -18.31 -25.91 -1.92
N TYR B 210 -17.94 -26.90 -1.09
CA TYR B 210 -17.94 -26.66 0.35
C TYR B 210 -16.92 -25.60 0.74
N LYS B 211 -15.75 -25.61 0.10
CA LYS B 211 -14.77 -24.55 0.34
C LYS B 211 -15.16 -23.24 -0.31
N ASP B 212 -16.21 -23.23 -1.14
CA ASP B 212 -16.72 -21.98 -1.68
C ASP B 212 -17.81 -21.41 -0.79
N SER B 213 -18.73 -22.26 -0.33
CA SER B 213 -19.81 -21.78 0.53
C SER B 213 -19.29 -21.44 1.93
N THR B 214 -18.37 -22.25 2.45
CA THR B 214 -17.85 -22.01 3.79
C THR B 214 -17.23 -20.62 3.93
N LEU B 215 -16.71 -20.06 2.84
CA LEU B 215 -16.19 -18.70 2.90
C LEU B 215 -17.29 -17.71 3.25
N ILE B 216 -18.47 -17.89 2.65
CA ILE B 216 -19.59 -16.98 2.91
C ILE B 216 -20.03 -17.09 4.36
N MET B 217 -19.96 -18.28 4.94
CA MET B 217 -20.37 -18.45 6.33
C MET B 217 -19.50 -17.62 7.26
N GLN B 218 -18.19 -17.57 6.99
CA GLN B 218 -17.33 -16.66 7.76
C GLN B 218 -17.70 -15.22 7.51
N LEU B 219 -18.17 -14.90 6.30
CA LEU B 219 -18.63 -13.54 6.01
C LEU B 219 -19.87 -13.21 6.82
N LEU B 220 -20.79 -14.17 6.98
CA LEU B 220 -21.99 -13.93 7.78
C LEU B 220 -21.64 -13.78 9.25
N ARG B 221 -20.82 -14.69 9.78
CA ARG B 221 -20.49 -14.66 11.20
C ARG B 221 -19.79 -13.37 11.57
N ASP B 222 -18.84 -12.92 10.74
CA ASP B 222 -18.13 -11.67 11.03
C ASP B 222 -19.08 -10.48 11.05
N ASN B 223 -20.05 -10.45 10.15
CA ASN B 223 -21.00 -9.34 10.12
C ASN B 223 -21.79 -9.28 11.42
N LEU B 224 -22.23 -10.42 11.93
CA LEU B 224 -22.96 -10.44 13.19
C LEU B 224 -22.07 -9.95 14.34
N THR B 225 -20.82 -10.39 14.37
CA THR B 225 -19.91 -9.96 15.43
C THR B 225 -19.73 -8.45 15.42
N LEU B 226 -19.57 -7.86 14.25
CA LEU B 226 -19.50 -6.41 14.15
C LEU B 226 -20.82 -5.77 14.54
N TRP B 227 -21.93 -6.41 14.19
CA TRP B 227 -23.25 -5.85 14.48
C TRP B 227 -23.63 -6.01 15.95
N THR B 228 -23.14 -7.06 16.59
CA THR B 228 -23.44 -7.26 18.01
C THR B 228 -22.69 -6.27 18.90
N SER B 229 -21.50 -5.85 18.49
CA SER B 229 -20.71 -4.91 19.27
C SER B 229 -21.48 -3.62 19.50
N LYS C 2 0.12 26.05 -13.49
CA LYS C 2 -1.20 26.28 -12.91
C LYS C 2 -1.41 25.29 -11.78
N ASN C 3 -1.75 25.80 -10.59
CA ASN C 3 -1.88 24.92 -9.43
C ASN C 3 -3.11 24.04 -9.52
N GLU C 4 -4.16 24.48 -10.22
CA GLU C 4 -5.34 23.65 -10.36
C GLU C 4 -4.98 22.29 -10.94
N LEU C 5 -4.13 22.27 -11.97
CA LEU C 5 -3.68 21.01 -12.54
C LEU C 5 -2.88 20.21 -11.52
N VAL C 6 -2.01 20.88 -10.76
CA VAL C 6 -1.17 20.16 -9.80
C VAL C 6 -2.03 19.47 -8.75
N GLN C 7 -3.03 20.17 -8.20
CA GLN C 7 -3.89 19.55 -7.20
C GLN C 7 -4.82 18.52 -7.82
N LYS C 8 -5.30 18.77 -9.04
CA LYS C 8 -6.08 17.76 -9.75
C LYS C 8 -5.30 16.45 -9.83
N ALA C 9 -4.02 16.54 -10.20
CA ALA C 9 -3.17 15.35 -10.23
C ALA C 9 -3.03 14.75 -8.83
N LYS C 10 -2.89 15.60 -7.82
CA LYS C 10 -2.81 15.09 -6.45
C LYS C 10 -4.11 14.41 -6.05
N LEU C 11 -5.24 14.98 -6.44
CA LEU C 11 -6.52 14.30 -6.24
C LEU C 11 -6.52 12.97 -6.97
N ALA C 12 -6.10 12.97 -8.24
CA ALA C 12 -6.17 11.76 -9.05
C ALA C 12 -5.31 10.64 -8.48
N GLU C 13 -4.14 10.99 -7.93
CA GLU C 13 -3.29 9.95 -7.37
C GLU C 13 -3.97 9.24 -6.22
N GLN C 14 -4.62 10.00 -5.34
CA GLN C 14 -5.30 9.39 -4.19
C GLN C 14 -6.47 8.54 -4.63
N ALA C 15 -7.25 9.02 -5.60
CA ALA C 15 -8.33 8.21 -6.15
C ALA C 15 -7.79 7.01 -6.91
N GLU C 16 -6.51 7.01 -7.26
CA GLU C 16 -5.87 5.95 -8.04
C GLU C 16 -6.44 5.91 -9.46
N ARG C 17 -6.45 7.06 -10.12
CA ARG C 17 -6.80 7.18 -11.53
C ARG C 17 -5.61 7.79 -12.26
N TYR C 18 -4.67 6.93 -12.65
CA TYR C 18 -3.41 7.41 -13.20
C TYR C 18 -3.54 7.84 -14.65
N ASP C 19 -4.41 7.18 -15.42
CA ASP C 19 -4.65 7.62 -16.79
C ASP C 19 -5.17 9.04 -16.86
N ASP C 20 -5.84 9.51 -15.81
CA ASP C 20 -6.30 10.89 -15.73
C ASP C 20 -5.26 11.78 -15.04
N MET C 21 -4.45 11.21 -14.14
CA MET C 21 -3.37 11.96 -13.55
C MET C 21 -2.35 12.39 -14.60
N ALA C 22 -1.97 11.47 -15.49
CA ALA C 22 -0.98 11.78 -16.51
C ALA C 22 -1.48 12.87 -17.45
N ALA C 23 -2.76 12.81 -17.83
CA ALA C 23 -3.31 13.79 -18.75
C ALA C 23 -3.23 15.20 -18.17
N CYS C 24 -3.12 15.31 -16.84
CA CYS C 24 -3.00 16.64 -16.23
C CYS C 24 -1.55 17.10 -16.21
N MET C 25 -0.64 16.23 -15.72
CA MET C 25 0.77 16.61 -15.67
C MET C 25 1.32 16.93 -17.05
N LYS C 26 0.85 16.23 -18.08
CA LYS C 26 1.27 16.56 -19.44
C LYS C 26 0.87 17.98 -19.79
N SER C 27 -0.37 18.37 -19.45
CA SER C 27 -0.82 19.73 -19.70
C SER C 27 0.00 20.76 -18.93
N VAL C 28 0.56 20.39 -17.78
CA VAL C 28 1.46 21.29 -17.07
C VAL C 28 2.78 21.41 -17.82
N THR C 29 3.33 20.28 -18.26
CA THR C 29 4.62 20.29 -18.93
C THR C 29 4.56 21.03 -20.26
N GLU C 30 3.39 21.06 -20.90
CA GLU C 30 3.25 21.71 -22.19
C GLU C 30 3.35 23.24 -22.09
N GLN C 31 3.34 23.79 -20.89
CA GLN C 31 3.28 25.24 -20.72
C GLN C 31 4.63 25.93 -20.85
N GLY C 32 5.72 25.17 -21.01
CA GLY C 32 7.02 25.77 -21.25
C GLY C 32 7.77 26.22 -20.03
N ALA C 33 7.24 25.99 -18.83
CA ALA C 33 7.95 26.36 -17.61
C ALA C 33 8.63 25.15 -17.01
N GLU C 34 9.75 25.39 -16.33
CA GLU C 34 10.48 24.30 -15.72
C GLU C 34 9.72 23.76 -14.52
N LEU C 35 9.59 22.44 -14.43
CA LEU C 35 8.88 21.82 -13.33
C LEU C 35 9.69 21.93 -12.04
N SER C 36 9.01 22.21 -10.95
CA SER C 36 9.64 22.12 -9.64
C SER C 36 9.94 20.67 -9.31
N ASN C 37 10.78 20.46 -8.29
CA ASN C 37 11.11 19.09 -7.91
C ASN C 37 9.97 18.39 -7.21
N GLU C 38 8.80 19.02 -7.11
CA GLU C 38 7.59 18.33 -6.67
C GLU C 38 6.71 17.98 -7.87
N GLU C 39 6.43 18.97 -8.72
CA GLU C 39 5.73 18.68 -9.98
C GLU C 39 6.51 17.68 -10.80
N ARG C 40 7.83 17.79 -10.80
CA ARG C 40 8.66 16.89 -11.58
C ARG C 40 8.50 15.45 -11.12
N ASN C 41 8.42 15.24 -9.80
CA ASN C 41 8.27 13.89 -9.27
C ASN C 41 6.85 13.36 -9.42
N LEU C 42 5.90 14.21 -9.78
CA LEU C 42 4.57 13.73 -10.14
C LEU C 42 4.57 13.14 -11.55
N LEU C 43 5.24 13.81 -12.48
CA LEU C 43 5.30 13.32 -13.85
C LEU C 43 5.96 11.96 -13.93
N SER C 44 6.86 11.66 -12.99
CA SER C 44 7.49 10.34 -12.96
C SER C 44 6.50 9.29 -12.47
N VAL C 45 5.71 9.61 -11.45
CA VAL C 45 4.80 8.61 -10.90
C VAL C 45 3.62 8.39 -11.85
N ALA C 46 3.18 9.44 -12.54
CA ALA C 46 2.02 9.32 -13.42
C ALA C 46 2.30 8.32 -14.54
N TYR C 47 3.40 8.51 -15.26
CA TYR C 47 3.63 7.70 -16.45
C TYR C 47 4.24 6.34 -16.14
N LYS C 48 4.88 6.19 -14.98
CA LYS C 48 5.45 4.90 -14.66
C LYS C 48 4.39 3.94 -14.12
N ASN C 49 3.17 4.43 -13.91
CA ASN C 49 2.05 3.56 -13.56
C ASN C 49 1.17 3.26 -14.76
N VAL C 50 1.05 4.22 -15.67
CA VAL C 50 0.34 3.98 -16.92
C VAL C 50 1.07 2.93 -17.75
N VAL C 51 2.39 3.06 -17.86
CA VAL C 51 3.18 2.06 -18.58
C VAL C 51 3.23 0.75 -17.79
N GLY C 52 3.39 0.84 -16.47
CA GLY C 52 3.55 -0.37 -15.67
C GLY C 52 2.37 -1.31 -15.79
N ALA C 53 1.21 -0.79 -16.14
CA ALA C 53 0.06 -1.66 -16.39
C ALA C 53 0.28 -2.49 -17.65
N ARG C 54 0.65 -1.84 -18.75
CA ARG C 54 0.86 -2.54 -20.01
C ARG C 54 2.00 -3.55 -19.91
N ARG C 55 3.10 -3.16 -19.27
CA ARG C 55 4.21 -4.08 -19.10
C ARG C 55 3.75 -5.34 -18.38
N SER C 56 2.81 -5.19 -17.45
CA SER C 56 2.29 -6.35 -16.73
C SER C 56 1.35 -7.18 -17.61
N SER C 57 0.52 -6.52 -18.43
CA SER C 57 -0.35 -7.26 -19.34
C SER C 57 0.47 -8.05 -20.34
N TRP C 58 1.51 -7.42 -20.91
CA TRP C 58 2.33 -8.05 -21.93
C TRP C 58 3.10 -9.24 -21.36
N ARG C 59 3.60 -9.12 -20.13
CA ARG C 59 4.41 -10.20 -19.56
C ARG C 59 3.59 -11.43 -19.22
N VAL C 60 2.26 -11.33 -19.20
CA VAL C 60 1.42 -12.48 -18.93
C VAL C 60 0.86 -13.08 -20.21
N VAL C 61 0.44 -12.22 -21.16
CA VAL C 61 -0.03 -12.71 -22.45
C VAL C 61 1.08 -13.49 -23.15
N SER C 62 2.30 -12.95 -23.13
CA SER C 62 3.43 -13.61 -23.76
C SER C 62 3.77 -14.95 -23.12
N SER C 63 3.41 -15.16 -21.85
CA SER C 63 3.60 -16.46 -21.22
C SER C 63 2.44 -17.40 -21.46
N ILE C 64 1.23 -16.88 -21.66
CA ILE C 64 0.13 -17.73 -22.12
C ILE C 64 0.47 -18.31 -23.48
N GLU C 65 0.86 -17.45 -24.42
CA GLU C 65 1.56 -17.92 -25.60
C GLU C 65 2.85 -18.61 -25.16
N GLN C 66 3.42 -19.39 -26.06
CA GLN C 66 4.57 -20.24 -25.73
C GLN C 66 4.17 -21.33 -24.74
N LYS C 67 2.87 -21.61 -24.64
CA LYS C 67 2.36 -22.68 -23.79
C LYS C 67 1.19 -23.33 -24.50
N THR C 68 0.95 -24.59 -24.16
CA THR C 68 -0.05 -25.41 -24.85
C THR C 68 0.30 -25.50 -26.33
N GLU C 69 1.47 -26.08 -26.59
CA GLU C 69 2.00 -26.12 -27.95
C GLU C 69 1.11 -26.99 -28.84
N GLY C 70 0.88 -26.51 -30.06
CA GLY C 70 0.14 -27.25 -31.06
C GLY C 70 -1.28 -26.77 -31.31
N ALA C 71 -1.93 -26.15 -30.32
CA ALA C 71 -3.30 -25.67 -30.48
C ALA C 71 -3.28 -24.38 -31.29
N GLU C 72 -3.26 -24.56 -32.61
CA GLU C 72 -3.00 -23.43 -33.50
C GLU C 72 -4.08 -22.35 -33.38
N LYS C 73 -5.35 -22.77 -33.32
CA LYS C 73 -6.43 -21.78 -33.28
C LYS C 73 -6.35 -20.95 -32.01
N LYS C 74 -6.05 -21.57 -30.87
CA LYS C 74 -5.85 -20.81 -29.64
C LYS C 74 -4.62 -19.92 -29.76
N GLN C 75 -3.49 -20.49 -30.17
CA GLN C 75 -2.25 -19.72 -30.25
C GLN C 75 -2.37 -18.60 -31.27
N GLN C 76 -3.30 -18.71 -32.22
CA GLN C 76 -3.54 -17.60 -33.13
C GLN C 76 -4.28 -16.47 -32.42
N MET C 77 -5.14 -16.81 -31.47
CA MET C 77 -5.91 -15.79 -30.76
C MET C 77 -5.02 -15.02 -29.79
N ALA C 78 -4.20 -15.72 -29.02
CA ALA C 78 -3.31 -15.06 -28.08
C ALA C 78 -2.32 -14.17 -28.81
N ARG C 79 -1.77 -14.68 -29.93
CA ARG C 79 -0.77 -13.93 -30.68
C ARG C 79 -1.31 -12.60 -31.17
N GLU C 80 -2.53 -12.60 -31.71
CA GLU C 80 -3.11 -11.37 -32.20
C GLU C 80 -3.46 -10.41 -31.07
N TYR C 81 -3.71 -10.93 -29.88
CA TYR C 81 -4.03 -10.07 -28.74
C TYR C 81 -2.79 -9.35 -28.23
N ARG C 82 -1.66 -10.05 -28.16
CA ARG C 82 -0.43 -9.46 -27.68
C ARG C 82 -0.07 -8.21 -28.48
N GLU C 83 -0.07 -8.32 -29.81
CA GLU C 83 0.34 -7.18 -30.63
C GLU C 83 -0.64 -6.03 -30.54
N LYS C 84 -1.83 -6.25 -29.99
CA LYS C 84 -2.73 -5.13 -29.70
C LYS C 84 -2.26 -4.37 -28.47
N ILE C 85 -1.79 -5.09 -27.45
CA ILE C 85 -1.23 -4.45 -26.27
C ILE C 85 0.03 -3.66 -26.65
N GLU C 86 0.88 -4.25 -27.47
CA GLU C 86 2.16 -3.62 -27.78
C GLU C 86 1.98 -2.26 -28.45
N THR C 87 1.05 -2.17 -29.39
CA THR C 87 0.80 -0.88 -30.04
C THR C 87 0.31 0.14 -29.03
N GLU C 88 -0.55 -0.26 -28.10
CA GLU C 88 -0.98 0.64 -27.04
C GLU C 88 0.18 1.01 -26.13
N LEU C 89 1.04 0.04 -25.83
CA LEU C 89 2.23 0.31 -25.02
C LEU C 89 3.17 1.28 -25.73
N ARG C 90 3.38 1.10 -27.04
CA ARG C 90 4.27 1.98 -27.78
C ARG C 90 3.78 3.42 -27.75
N ASP C 91 2.47 3.62 -27.89
CA ASP C 91 1.94 4.99 -27.97
C ASP C 91 2.24 5.78 -26.70
N ILE C 92 2.37 5.09 -25.57
CA ILE C 92 2.71 5.78 -24.32
C ILE C 92 4.17 6.20 -24.33
N CYS C 93 5.08 5.25 -24.58
CA CYS C 93 6.50 5.55 -24.54
C CYS C 93 6.85 6.67 -25.52
N ASN C 94 6.26 6.63 -26.71
CA ASN C 94 6.52 7.69 -27.68
C ASN C 94 6.06 9.04 -27.14
N ASP C 95 4.90 9.08 -26.49
CA ASP C 95 4.40 10.34 -25.94
C ASP C 95 5.33 10.87 -24.86
N VAL C 96 5.84 9.97 -24.00
CA VAL C 96 6.79 10.38 -22.98
C VAL C 96 8.05 10.94 -23.64
N LEU C 97 8.62 10.19 -24.59
CA LEU C 97 9.88 10.58 -25.19
C LEU C 97 9.76 11.92 -25.92
N SER C 98 8.67 12.09 -26.68
CA SER C 98 8.47 13.37 -27.36
C SER C 98 8.28 14.50 -26.34
N LEU C 99 7.72 14.17 -25.18
CA LEU C 99 7.55 15.18 -24.15
C LEU C 99 8.88 15.60 -23.55
N LEU C 100 9.77 14.63 -23.32
CA LEU C 100 11.09 14.96 -22.80
C LEU C 100 11.86 15.85 -23.77
N GLU C 101 11.92 15.43 -25.03
CA GLU C 101 12.84 16.03 -25.98
C GLU C 101 12.31 17.36 -26.52
N LYS C 102 11.04 17.67 -26.28
CA LYS C 102 10.45 18.89 -26.83
C LYS C 102 10.39 20.02 -25.82
N PHE C 103 10.19 19.72 -24.54
CA PHE C 103 10.02 20.74 -23.52
C PHE C 103 11.02 20.63 -22.37
N LEU C 104 11.25 19.45 -21.83
CA LEU C 104 11.99 19.32 -20.58
C LEU C 104 13.50 19.42 -20.81
N ILE C 105 14.06 18.46 -21.54
CA ILE C 105 15.52 18.42 -21.70
C ILE C 105 16.05 19.73 -22.28
N PRO C 106 15.42 20.34 -23.29
CA PRO C 106 15.95 21.60 -23.82
C PRO C 106 16.09 22.70 -22.77
N ASN C 107 15.27 22.69 -21.73
CA ASN C 107 15.26 23.76 -20.74
C ASN C 107 15.70 23.31 -19.35
N ALA C 108 16.46 22.22 -19.23
CA ALA C 108 16.97 21.79 -17.94
C ALA C 108 18.25 22.53 -17.64
N SER C 109 18.19 23.47 -16.68
CA SER C 109 19.34 24.32 -16.39
C SER C 109 20.33 23.62 -15.47
N GLN C 110 19.91 23.31 -14.24
CA GLN C 110 20.82 22.74 -13.26
C GLN C 110 21.16 21.30 -13.61
N ALA C 111 22.25 20.82 -13.00
CA ALA C 111 22.67 19.45 -13.23
C ALA C 111 21.63 18.46 -12.73
N GLU C 112 21.01 18.74 -11.58
CA GLU C 112 20.05 17.81 -11.01
C GLU C 112 18.95 17.47 -12.02
N SER C 113 18.39 18.49 -12.66
CA SER C 113 17.31 18.25 -13.61
C SER C 113 17.79 17.42 -14.80
N LYS C 114 18.95 17.78 -15.35
CA LYS C 114 19.42 17.09 -16.55
C LYS C 114 19.72 15.61 -16.27
N VAL C 115 20.32 15.32 -15.12
CA VAL C 115 20.53 13.92 -14.76
C VAL C 115 19.19 13.22 -14.55
N PHE C 116 18.14 13.99 -14.27
CA PHE C 116 16.82 13.40 -14.06
C PHE C 116 16.12 13.12 -15.37
N TYR C 117 15.97 14.15 -16.21
CA TYR C 117 15.27 13.97 -17.48
C TYR C 117 16.00 12.98 -18.39
N LEU C 118 17.33 13.02 -18.42
CA LEU C 118 18.06 12.08 -19.26
C LEU C 118 17.83 10.64 -18.83
N LYS C 119 17.79 10.38 -17.53
CA LYS C 119 17.52 9.02 -17.09
C LYS C 119 16.14 8.55 -17.54
N MET C 120 15.14 9.44 -17.50
CA MET C 120 13.84 9.10 -18.06
C MET C 120 13.98 8.68 -19.51
N LYS C 121 14.63 9.51 -20.33
CA LYS C 121 14.84 9.17 -21.72
C LYS C 121 15.51 7.81 -21.85
N GLY C 122 16.48 7.53 -20.98
CA GLY C 122 17.14 6.23 -21.04
C GLY C 122 16.27 5.10 -20.55
N ASP C 123 15.23 5.42 -19.78
CA ASP C 123 14.34 4.38 -19.27
C ASP C 123 13.28 4.01 -20.30
N TYR C 124 12.69 5.01 -20.96
CA TYR C 124 11.57 4.73 -21.85
C TYR C 124 12.03 4.08 -23.16
N TYR C 125 13.31 4.20 -23.50
CA TYR C 125 13.83 3.41 -24.61
C TYR C 125 14.07 1.96 -24.19
N ARG C 126 14.48 1.73 -22.94
CA ARG C 126 14.64 0.38 -22.46
C ARG C 126 13.31 -0.37 -22.41
N TYR C 127 12.20 0.37 -22.31
CA TYR C 127 10.89 -0.27 -22.33
C TYR C 127 10.52 -0.70 -23.75
N LEU C 128 10.82 0.14 -24.73
CA LEU C 128 10.55 -0.21 -26.12
C LEU C 128 11.45 -1.35 -26.60
N ALA C 129 12.69 -1.41 -26.10
CA ALA C 129 13.59 -2.47 -26.50
C ALA C 129 13.07 -3.85 -26.11
N GLU C 130 12.19 -3.93 -25.11
CA GLU C 130 11.59 -5.20 -24.75
C GLU C 130 10.47 -5.59 -25.70
N VAL C 131 9.84 -4.62 -26.34
CA VAL C 131 8.71 -4.87 -27.23
C VAL C 131 9.17 -5.03 -28.68
N ALA C 132 10.05 -4.15 -29.13
CA ALA C 132 10.47 -4.16 -30.53
C ALA C 132 11.28 -5.42 -30.84
N ALA C 133 11.39 -5.72 -32.13
CA ALA C 133 12.17 -6.84 -32.61
C ALA C 133 12.72 -6.52 -33.99
N GLY C 134 13.72 -7.29 -34.41
CA GLY C 134 14.36 -7.01 -35.68
C GLY C 134 15.39 -5.89 -35.53
N ASP C 135 15.71 -5.28 -36.68
CA ASP C 135 16.68 -4.19 -36.67
C ASP C 135 16.23 -3.05 -35.77
N ASP C 136 14.92 -2.91 -35.57
CA ASP C 136 14.41 -1.83 -34.74
C ASP C 136 14.84 -1.98 -33.29
N LYS C 137 15.01 -3.22 -32.81
CA LYS C 137 15.49 -3.41 -31.46
C LYS C 137 16.89 -2.80 -31.30
N LYS C 138 17.77 -3.05 -32.26
CA LYS C 138 19.10 -2.46 -32.19
C LYS C 138 19.05 -0.95 -32.44
N GLY C 139 18.14 -0.51 -33.30
CA GLY C 139 17.97 0.92 -33.49
C GLY C 139 17.49 1.63 -32.23
N ILE C 140 16.76 0.91 -31.39
CA ILE C 140 16.28 1.49 -30.14
C ILE C 140 17.33 1.31 -29.04
N VAL C 141 17.92 0.13 -28.94
CA VAL C 141 18.86 -0.13 -27.84
C VAL C 141 20.05 0.81 -27.92
N ASP C 142 20.51 1.14 -29.13
CA ASP C 142 21.57 2.12 -29.26
C ASP C 142 21.13 3.47 -28.73
N GLN C 143 19.89 3.88 -29.02
CA GLN C 143 19.43 5.19 -28.57
C GLN C 143 19.34 5.25 -27.06
N SER C 144 19.00 4.13 -26.42
CA SER C 144 18.96 4.10 -24.96
C SER C 144 20.33 4.39 -24.36
N GLN C 145 21.38 3.78 -24.92
CA GLN C 145 22.71 3.88 -24.33
C GLN C 145 23.22 5.32 -24.36
N GLN C 146 22.88 6.07 -25.41
CA GLN C 146 23.33 7.46 -25.49
C GLN C 146 22.77 8.27 -24.33
N ALA C 147 21.50 8.04 -23.97
CA ALA C 147 20.91 8.78 -22.87
C ALA C 147 21.46 8.34 -21.53
N TYR C 148 21.59 7.03 -21.32
CA TYR C 148 22.14 6.54 -20.07
C TYR C 148 23.59 6.97 -19.90
N GLN C 149 24.38 6.90 -20.98
CA GLN C 149 25.78 7.31 -20.89
C GLN C 149 25.88 8.80 -20.59
N GLU C 150 25.10 9.62 -21.29
CA GLU C 150 25.20 11.06 -21.12
C GLU C 150 24.89 11.47 -19.68
N ALA C 151 23.82 10.92 -19.12
CA ALA C 151 23.45 11.26 -17.74
C ALA C 151 24.53 10.81 -16.77
N PHE C 152 25.13 9.65 -17.03
CA PHE C 152 26.13 9.11 -16.12
C PHE C 152 27.33 10.04 -15.98
N GLU C 153 27.74 10.67 -17.08
CA GLU C 153 28.87 11.59 -17.02
C GLU C 153 28.57 12.80 -16.14
N ILE C 154 27.41 13.41 -16.33
CA ILE C 154 27.05 14.56 -15.50
C ILE C 154 26.93 14.16 -14.04
N SER C 155 26.39 12.96 -13.78
CA SER C 155 26.23 12.50 -12.40
C SER C 155 27.56 12.34 -11.72
N LYS C 156 28.55 11.76 -12.40
CA LYS C 156 29.85 11.52 -11.77
C LYS C 156 30.51 12.81 -11.32
N LYS C 157 30.09 13.95 -11.86
CA LYS C 157 30.80 15.20 -11.67
C LYS C 157 30.06 16.19 -10.78
N GLU C 158 28.72 16.20 -10.82
CA GLU C 158 27.95 17.26 -10.21
C GLU C 158 27.19 16.85 -8.96
N MET C 159 27.03 15.56 -8.69
CA MET C 159 26.15 15.12 -7.62
C MET C 159 26.89 14.18 -6.68
N GLN C 160 26.46 14.17 -5.42
CA GLN C 160 27.15 13.43 -4.39
C GLN C 160 26.89 11.93 -4.56
N PRO C 161 27.77 11.08 -4.01
CA PRO C 161 27.58 9.63 -4.18
C PRO C 161 26.24 9.11 -3.70
N THR C 162 25.73 9.62 -2.59
CA THR C 162 24.52 9.07 -1.98
C THR C 162 23.24 9.70 -2.51
N HIS C 163 23.33 10.71 -3.35
CA HIS C 163 22.13 11.34 -3.88
C HIS C 163 21.28 10.29 -4.56
N PRO C 164 20.00 10.13 -4.20
CA PRO C 164 19.21 9.04 -4.78
C PRO C 164 19.09 9.10 -6.29
N ILE C 165 19.08 10.28 -6.89
CA ILE C 165 19.01 10.36 -8.35
C ILE C 165 20.21 9.68 -8.98
N ARG C 166 21.41 10.01 -8.53
CA ARG C 166 22.60 9.35 -9.05
C ARG C 166 22.60 7.88 -8.67
N LEU C 167 22.24 7.57 -7.43
CA LEU C 167 22.30 6.18 -6.98
C LEU C 167 21.24 5.32 -7.64
N GLY C 168 20.27 5.94 -8.32
CA GLY C 168 19.30 5.19 -9.09
C GLY C 168 19.68 5.09 -10.56
N LEU C 169 20.42 6.06 -11.08
CA LEU C 169 20.91 5.97 -12.45
C LEU C 169 21.83 4.78 -12.63
N ALA C 170 22.58 4.43 -11.58
CA ALA C 170 23.41 3.25 -11.63
C ALA C 170 22.58 1.98 -11.64
N LEU C 171 21.42 2.01 -10.98
CA LEU C 171 20.56 0.83 -10.92
C LEU C 171 19.91 0.56 -12.27
N ASN C 172 19.34 1.60 -12.88
CA ASN C 172 18.65 1.41 -14.15
C ASN C 172 19.64 1.18 -15.30
N PHE C 173 20.77 1.87 -15.28
CA PHE C 173 21.77 1.68 -16.32
C PHE C 173 22.42 0.29 -16.23
N SER C 174 22.67 -0.19 -15.02
CA SER C 174 23.30 -1.50 -14.88
C SER C 174 22.38 -2.60 -15.40
N VAL C 175 21.08 -2.48 -15.15
CA VAL C 175 20.12 -3.46 -15.65
C VAL C 175 20.12 -3.47 -17.18
N PHE C 176 20.17 -2.30 -17.79
CA PHE C 176 20.20 -2.20 -19.25
C PHE C 176 21.36 -3.00 -19.83
N TYR C 177 22.46 -3.14 -19.09
CA TYR C 177 23.57 -3.95 -19.56
C TYR C 177 23.29 -5.44 -19.39
N TYR C 178 22.55 -5.80 -18.35
CA TYR C 178 22.36 -7.22 -18.06
C TYR C 178 21.26 -7.84 -18.91
N GLU C 179 20.11 -7.16 -19.01
CA GLU C 179 18.96 -7.75 -19.70
C GLU C 179 18.97 -7.43 -21.18
N ILE C 180 19.05 -6.16 -21.54
CA ILE C 180 18.98 -5.76 -22.94
C ILE C 180 20.22 -6.19 -23.71
N LEU C 181 21.41 -5.98 -23.16
CA LEU C 181 22.66 -6.28 -23.84
C LEU C 181 23.26 -7.62 -23.45
N ASN C 182 22.71 -8.30 -22.46
CA ASN C 182 23.21 -9.62 -22.04
C ASN C 182 24.70 -9.59 -21.74
N SER C 183 25.14 -8.64 -20.91
CA SER C 183 26.55 -8.46 -20.55
C SER C 183 26.65 -8.42 -19.02
N PRO C 184 26.65 -9.58 -18.36
CA PRO C 184 26.67 -9.57 -16.89
C PRO C 184 27.86 -8.86 -16.30
N GLU C 185 29.08 -9.15 -16.77
CA GLU C 185 30.25 -8.51 -16.18
C GLU C 185 30.20 -7.00 -16.32
N LYS C 186 29.85 -6.50 -17.50
CA LYS C 186 29.75 -5.07 -17.68
C LYS C 186 28.68 -4.46 -16.80
N ALA C 187 27.67 -5.24 -16.43
CA ALA C 187 26.65 -4.76 -15.50
C ALA C 187 27.16 -4.78 -14.07
N CYS C 188 27.83 -5.86 -13.67
CA CYS C 188 28.30 -5.98 -12.29
C CYS C 188 29.28 -4.86 -11.95
N SER C 189 30.20 -4.56 -12.86
CA SER C 189 31.19 -3.53 -12.58
C SER C 189 30.51 -2.19 -12.31
N LEU C 190 29.51 -1.83 -13.11
CA LEU C 190 28.80 -0.59 -12.90
C LEU C 190 28.00 -0.62 -11.60
N ALA C 191 27.47 -1.80 -11.24
CA ALA C 191 26.69 -1.91 -10.00
C ALA C 191 27.59 -1.80 -8.78
N LYS C 192 28.71 -2.54 -8.77
CA LYS C 192 29.58 -2.54 -7.61
C LYS C 192 30.21 -1.16 -7.39
N THR C 193 30.56 -0.47 -8.47
CA THR C 193 31.20 0.84 -8.35
C THR C 193 30.28 1.83 -7.64
N ALA C 194 29.05 1.97 -8.12
CA ALA C 194 28.13 2.92 -7.50
C ALA C 194 27.79 2.50 -6.07
N PHE C 195 27.71 1.20 -5.82
CA PHE C 195 27.34 0.73 -4.49
C PHE C 195 28.35 1.18 -3.44
N ASP C 196 29.64 0.95 -3.70
CA ASP C 196 30.65 1.22 -2.69
C ASP C 196 30.86 2.71 -2.48
N GLU C 197 30.82 3.49 -3.56
CA GLU C 197 31.05 4.93 -3.44
C GLU C 197 30.05 5.56 -2.48
N ALA C 198 28.82 5.05 -2.45
CA ALA C 198 27.83 5.55 -1.50
C ALA C 198 28.06 4.99 -0.10
N ILE C 199 28.60 3.78 0.01
CA ILE C 199 28.93 3.24 1.33
C ILE C 199 30.09 4.00 1.95
N ALA C 200 31.13 4.29 1.17
CA ALA C 200 32.29 5.00 1.69
C ALA C 200 31.89 6.35 2.26
N GLU C 201 31.14 7.14 1.49
CA GLU C 201 30.65 8.44 1.92
C GLU C 201 29.23 8.37 2.46
N LEU C 202 28.98 7.45 3.41
CA LEU C 202 27.62 7.21 3.86
C LEU C 202 27.08 8.36 4.69
N ASP C 203 27.91 8.96 5.54
CA ASP C 203 27.43 9.95 6.50
C ASP C 203 26.91 11.23 5.83
N THR C 204 27.16 11.43 4.53
CA THR C 204 26.55 12.55 3.83
C THR C 204 25.03 12.39 3.74
N LEU C 205 24.52 11.19 4.04
CA LEU C 205 23.09 10.97 4.13
C LEU C 205 22.42 12.09 4.90
N SER C 206 21.18 12.41 4.52
CA SER C 206 20.46 13.54 5.09
C SER C 206 19.05 13.11 5.48
N GLU C 207 18.45 13.90 6.36
CA GLU C 207 17.09 13.61 6.83
C GLU C 207 16.11 13.54 5.67
N GLU C 208 16.33 14.33 4.63
CA GLU C 208 15.38 14.41 3.52
C GLU C 208 15.54 13.27 2.52
N SER C 209 16.59 12.46 2.63
CA SER C 209 16.84 11.41 1.64
C SER C 209 17.28 10.07 2.22
N TYR C 210 17.24 9.88 3.54
CA TYR C 210 17.80 8.66 4.11
C TYR C 210 17.01 7.43 3.67
N LYS C 211 15.68 7.52 3.63
CA LYS C 211 14.87 6.35 3.30
C LYS C 211 14.92 6.04 1.81
N ASP C 212 14.83 7.09 0.98
CA ASP C 212 14.87 6.88 -0.46
C ASP C 212 16.20 6.28 -0.90
N SER C 213 17.30 6.77 -0.34
CA SER C 213 18.62 6.31 -0.77
C SER C 213 18.91 4.89 -0.26
N THR C 214 18.49 4.58 0.97
CA THR C 214 18.79 3.27 1.52
C THR C 214 17.97 2.17 0.86
N LEU C 215 16.82 2.51 0.30
CA LEU C 215 16.04 1.53 -0.45
C LEU C 215 16.76 1.11 -1.71
N ILE C 216 17.25 2.08 -2.49
CA ILE C 216 17.91 1.77 -3.75
C ILE C 216 19.16 0.94 -3.50
N MET C 217 19.89 1.24 -2.43
CA MET C 217 21.06 0.44 -2.10
C MET C 217 20.68 -1.00 -1.78
N GLN C 218 19.47 -1.24 -1.30
CA GLN C 218 19.01 -2.61 -1.14
C GLN C 218 18.67 -3.23 -2.49
N LEU C 219 18.00 -2.48 -3.37
CA LEU C 219 17.75 -2.98 -4.71
C LEU C 219 19.04 -3.22 -5.47
N LEU C 220 19.99 -2.30 -5.35
CA LEU C 220 21.28 -2.47 -6.01
C LEU C 220 21.99 -3.72 -5.52
N ARG C 221 21.94 -3.97 -4.21
CA ARG C 221 22.58 -5.17 -3.67
C ARG C 221 21.83 -6.43 -4.07
N ASP C 222 20.51 -6.34 -4.22
CA ASP C 222 19.72 -7.51 -4.59
C ASP C 222 20.09 -7.99 -5.99
N ASN C 223 20.20 -7.07 -6.94
CA ASN C 223 20.56 -7.45 -8.30
C ASN C 223 21.94 -8.10 -8.34
N LEU C 224 22.90 -7.53 -7.61
CA LEU C 224 24.25 -8.08 -7.62
C LEU C 224 24.23 -9.56 -7.24
N THR C 225 23.59 -9.89 -6.12
CA THR C 225 23.54 -11.28 -5.68
C THR C 225 22.81 -12.15 -6.69
N LEU C 226 21.70 -11.65 -7.23
CA LEU C 226 20.97 -12.40 -8.25
C LEU C 226 21.88 -12.72 -9.44
N TRP C 227 22.54 -11.70 -9.98
CA TRP C 227 23.38 -11.90 -11.16
C TRP C 227 24.51 -12.87 -10.87
N THR C 228 25.15 -12.72 -9.70
CA THR C 228 26.23 -13.62 -9.30
C THR C 228 25.74 -14.98 -8.87
N SER C 229 24.44 -15.15 -8.65
CA SER C 229 23.91 -16.44 -8.22
C SER C 229 24.20 -17.53 -9.24
#